data_8IYQ
#
_entry.id   8IYQ
#
_cell.length_a   1.00
_cell.length_b   1.00
_cell.length_c   1.00
_cell.angle_alpha   90.00
_cell.angle_beta   90.00
_cell.angle_gamma   90.00
#
_symmetry.space_group_name_H-M   'P 1'
#
loop_
_entity.id
_entity.type
_entity.pdbx_description
1 polymer deadCbCas9
2 polymer TS
3 polymer sgRNA
4 polymer NTS
#
loop_
_entity_poly.entity_id
_entity_poly.type
_entity_poly.pdbx_seq_one_letter_code
_entity_poly.pdbx_strand_id
1 'polypeptide(L)'
;MIKNILGLALGTNSIGWALVKQDFENKQGEILGMGSRIIPMSQDILGDFGKGNSVSQTAERTKYRSVRRLRERFLLRRER
LHRVLYILNFLPEHYASQIDFEKRLGKFKVETEPKLVWKNTDGQFSFLFQNSFNEMLEDFKAAGQELKIPYDWTIYHLRK
KAISQKIEKEELAWILLNFNHKRGYYQLRGEDFEEEKDKTFVRLKVDRIVDSGENVKGKILYDVYFENGWKYDKQVVKTE
DWVDRTKEFIVSESILKNGETKRTFKAVDSEKDWIAIKTKTEQEIEHSHKTVGTYIYETLLQNPKQKIKGKLVRTIERKF
YKEELRQILEKQKEFHQELQSDDLYNDCIRELYRNNEVHQLTLRKKDFVHLFMEDIIFYQRPLRSQKSSVSNCTLEFRKY
KGENGAEHTQYLKAIPKSNPYYQEFRLWQWIFNLNLYTKDNDENVTKVFLNTTQDFENLFEFLNTRKEVDQKALLKHFKL
NEKTHRWNFVEDKKYPCNETKTMISSRLDKVENISDDFLTRDIEQKIWHIIYSVNDKVEYEKALKSFARKHHLDESSFFE
AFRKFPPFKSEYGSFSEKAIKKLLPLMRLGKYWNYAEIDKYSRERIQKIITGEYDENIKDKVREKSVHLTIENDFQGLQL
WLAQYIVYGRHSEASMIGKWNSANDLEVFLKDFKQHSLRNPIVEQVITETLRVVKDIWLKYGNGTKDFFNEIHIELGREM
KLPADDRKKLTNQITENENTNLRIKALLAEMMNDHSVENVRPFSPMQQEILKIYEDGVLKSDIEIEDDILKISKTAQPSS
SDLKRYKLWLEQKYKSPYTGQIIPLNKLFTPEYEIEAIIPQSRYFDDSFSNKIICESAVNKLKDNYIGLGFIKQFGGTII
ELGFGKSVKVFDTEEYEDFVKKHYANNRGKRNKLLMEDIPEKMIERQLNDTRYISKYISGILSNIVRVEDGSDEGVNSKN
IVPGNGKITTQLKQDWGLNDVWNDLILPRFERMNQLTNSKDFTAWNENHQKFLPTVPIEFSKGFSKKRIDHRHHALDALV
IACATTDHVNLLNNQSAKSDTKRYDLKKKLMKFEKVVYHHTQTGEKIEREIPKQFLKPWEKFTVDAKHNLESIIVSFKQN
LRVINKATNYYEKYVEKDGTKNKERVEQAGTNWAIRKPMHKDTVSGKVDLPWVKVPKGKILTATRKSLDSSFDLKSIGSI
TDTGIQKILKNYLAFKDGNPELAFSPEGIDDLNKNIEKYNDGKPHQPINKVRVFELGSKFQVGQTGNKKGKYVEAAKGTN
LFFAVYEDEKGKRSYETIPLNEVIERQKQGLTSVPLENEKGSRLLFDLSPNDLVYVPEIDENIDSNFVFSNLNKEKISRI
YKVEKTSGTECYFVRQDIAYLIKQYDAKTKIGELESQNKLQVTMTDDRIRITDTCVKINCDRLGNINFITKEKIKQIFNE
FR
;
A
2 'polydeoxyribonucleotide'
;(DC)(DG)(DT)(DT)(DT)(DT)(DG)(DT)(DC)(DT)(DC)(DG)(DG)(DC)(DT)(DC)(DC)(DC)(DC)(DG)
(DA)(DC)(DA)(DT)(DT)(DC)(DT)(DC)
;
F
3 'polyribonucleotide'
;GAGAAUGUCGGGGAGCCGAGGUUGUGAAUUGCUUUCAAAAAUUAUUGAGAAAUAAUUUUGAAAAGCAAUUCACAAUAAGG
AUUAUUCCGUUGUGAAAACAUUCAAGGCGGGGCAACUCGCCUUUUUU
;
O
4 'polydeoxyribonucleotide'
;(DG)(DA)(DG)(DA)(DA)(DT)(DG)(DT)(DC)(DG)(DG)(DG)(DG)(DA)(DG)(DC)(DC)(DG)(DA)(DG)
(DA)(DC)(DA)(DA)(DA)(DA)(DC)(DG)
;
S
#
loop_
_chem_comp.id
_chem_comp.type
_chem_comp.name
_chem_comp.formula
A RNA linking ADENOSINE-5'-MONOPHOSPHATE 'C10 H14 N5 O7 P'
C RNA linking CYTIDINE-5'-MONOPHOSPHATE 'C9 H14 N3 O8 P'
DA DNA linking 2'-DEOXYADENOSINE-5'-MONOPHOSPHATE 'C10 H14 N5 O6 P'
DC DNA linking 2'-DEOXYCYTIDINE-5'-MONOPHOSPHATE 'C9 H14 N3 O7 P'
DG DNA linking 2'-DEOXYGUANOSINE-5'-MONOPHOSPHATE 'C10 H14 N5 O7 P'
DT DNA linking THYMIDINE-5'-MONOPHOSPHATE 'C10 H15 N2 O8 P'
G RNA linking GUANOSINE-5'-MONOPHOSPHATE 'C10 H14 N5 O8 P'
U RNA linking URIDINE-5'-MONOPHOSPHATE 'C9 H13 N2 O9 P'
#
# COMPACT_ATOMS: atom_id res chain seq x y z
N MET A 1 -22.95 44.33 -4.22
CA MET A 1 -24.40 44.20 -3.89
C MET A 1 -24.78 42.74 -3.69
N ILE A 2 -25.32 42.12 -4.75
CA ILE A 2 -25.70 40.71 -4.69
C ILE A 2 -24.46 39.86 -4.91
N LYS A 3 -24.19 38.94 -3.99
CA LYS A 3 -23.03 38.07 -4.07
C LYS A 3 -23.46 36.61 -3.96
N ASN A 4 -22.98 35.78 -4.87
CA ASN A 4 -23.19 34.34 -4.79
C ASN A 4 -22.06 33.72 -3.98
N ILE A 5 -22.42 33.07 -2.88
CA ILE A 5 -21.47 32.49 -1.95
C ILE A 5 -21.68 31.00 -1.92
N LEU A 6 -20.59 30.25 -2.06
CA LEU A 6 -20.60 28.79 -1.99
C LEU A 6 -19.79 28.37 -0.77
N GLY A 7 -20.47 27.81 0.23
CA GLY A 7 -19.82 27.28 1.42
C GLY A 7 -19.63 25.78 1.29
N LEU A 8 -18.43 25.32 1.61
CA LEU A 8 -18.07 23.92 1.56
C LEU A 8 -17.53 23.49 2.91
N ALA A 9 -18.02 22.35 3.39
CA ALA A 9 -17.51 21.69 4.60
C ALA A 9 -17.05 20.30 4.20
N LEU A 10 -15.75 20.08 4.18
CA LEU A 10 -15.18 18.81 3.73
C LEU A 10 -14.77 17.99 4.95
N GLY A 11 -15.27 16.76 5.02
CA GLY A 11 -14.91 15.83 6.06
C GLY A 11 -14.04 14.70 5.53
N THR A 12 -13.90 13.68 6.37
CA THR A 12 -13.11 12.52 5.97
C THR A 12 -13.73 11.82 4.77
N ASN A 13 -15.06 11.66 4.78
CA ASN A 13 -15.76 11.01 3.67
C ASN A 13 -17.08 11.73 3.36
N SER A 14 -17.17 13.02 3.66
CA SER A 14 -18.40 13.77 3.47
C SER A 14 -18.10 15.10 2.81
N ILE A 15 -19.09 15.62 2.09
CA ILE A 15 -18.98 16.92 1.44
C ILE A 15 -20.30 17.65 1.62
N GLY A 16 -20.34 18.60 2.56
CA GLY A 16 -21.50 19.44 2.73
C GLY A 16 -21.33 20.70 1.89
N TRP A 17 -22.38 21.04 1.16
CA TRP A 17 -22.32 22.21 0.31
C TRP A 17 -23.55 23.07 0.45
N ALA A 18 -23.37 24.37 0.43
CA ALA A 18 -24.46 25.32 0.46
C ALA A 18 -24.17 26.44 -0.53
N LEU A 19 -25.21 26.89 -1.22
CA LEU A 19 -25.11 28.02 -2.15
C LEU A 19 -26.16 29.03 -1.76
N VAL A 20 -25.73 30.26 -1.50
CA VAL A 20 -26.63 31.34 -1.09
C VAL A 20 -26.37 32.57 -1.94
N LYS A 21 -27.38 33.42 -2.04
CA LYS A 21 -27.31 34.69 -2.74
C LYS A 21 -27.55 35.78 -1.70
N GLN A 22 -26.47 36.41 -1.24
CA GLN A 22 -26.52 37.27 -0.08
C GLN A 22 -26.30 38.73 -0.46
N ASP A 23 -26.96 39.61 0.28
CA ASP A 23 -26.78 41.06 0.21
C ASP A 23 -26.66 41.54 1.65
N PHE A 24 -25.43 41.54 2.18
CA PHE A 24 -25.25 41.75 3.61
C PHE A 24 -25.57 43.18 4.03
N GLU A 25 -25.28 44.16 3.18
CA GLU A 25 -25.46 45.55 3.58
C GLU A 25 -26.93 45.84 3.92
N ASN A 26 -27.85 45.32 3.13
CA ASN A 26 -29.28 45.48 3.37
C ASN A 26 -29.87 44.36 4.22
N LYS A 27 -29.02 43.46 4.74
CA LYS A 27 -29.49 42.36 5.57
C LYS A 27 -30.54 41.52 4.83
N GLN A 28 -30.31 41.30 3.54
CA GLN A 28 -31.17 40.48 2.71
C GLN A 28 -30.38 39.28 2.21
N GLY A 29 -31.11 38.32 1.66
CA GLY A 29 -30.48 37.12 1.13
C GLY A 29 -31.45 35.95 1.13
N GLU A 30 -30.98 34.85 0.56
CA GLU A 30 -31.77 33.63 0.50
C GLU A 30 -30.82 32.46 0.30
N ILE A 31 -31.31 31.26 0.61
CA ILE A 31 -30.56 30.03 0.44
C ILE A 31 -30.97 29.41 -0.90
N LEU A 32 -30.02 29.31 -1.82
CA LEU A 32 -30.33 28.73 -3.12
C LEU A 32 -30.30 27.22 -3.09
N GLY A 33 -29.37 26.63 -2.33
CA GLY A 33 -29.29 25.19 -2.27
C GLY A 33 -28.46 24.72 -1.10
N MET A 34 -28.74 23.48 -0.68
CA MET A 34 -27.99 22.82 0.37
C MET A 34 -27.96 21.33 0.07
N GLY A 35 -26.92 20.65 0.54
CA GLY A 35 -26.85 19.22 0.35
C GLY A 35 -25.62 18.63 1.01
N SER A 36 -25.61 17.29 1.07
CA SER A 36 -24.50 16.54 1.61
C SER A 36 -24.25 15.32 0.73
N ARG A 37 -23.04 15.21 0.19
CA ARG A 37 -22.62 14.07 -0.60
C ARG A 37 -21.77 13.17 0.26
N ILE A 38 -22.15 11.90 0.36
CA ILE A 38 -21.50 10.94 1.25
C ILE A 38 -20.73 9.93 0.41
N ILE A 39 -19.51 9.62 0.85
CA ILE A 39 -18.70 8.57 0.26
C ILE A 39 -18.69 7.40 1.23
N PRO A 40 -19.48 6.35 0.99
CA PRO A 40 -19.60 5.28 2.00
C PRO A 40 -18.26 4.65 2.32
N MET A 41 -17.95 4.58 3.62
CA MET A 41 -16.69 4.01 4.08
C MET A 41 -16.90 3.43 5.48
N SER A 42 -16.63 2.15 5.67
CA SER A 42 -16.86 1.50 6.95
C SER A 42 -16.01 2.15 8.03
N GLN A 43 -16.51 2.10 9.26
CA GLN A 43 -15.80 2.73 10.37
C GLN A 43 -14.43 2.10 10.59
N ASP A 44 -14.20 0.90 10.07
CA ASP A 44 -12.88 0.29 10.17
C ASP A 44 -11.83 1.17 9.49
N ILE A 45 -12.09 1.61 8.27
CA ILE A 45 -11.15 2.47 7.56
C ILE A 45 -11.00 3.79 8.29
N LEU A 46 -12.10 4.36 8.77
CA LEU A 46 -12.04 5.64 9.45
C LEU A 46 -11.17 5.56 10.70
N GLY A 47 -11.30 4.48 11.47
CA GLY A 47 -10.47 4.31 12.65
C GLY A 47 -9.06 3.84 12.37
N ASP A 48 -8.83 3.27 11.19
CA ASP A 48 -7.51 2.75 10.85
C ASP A 48 -6.60 3.79 10.21
N PHE A 49 -7.13 4.63 9.31
CA PHE A 49 -6.26 5.57 8.60
C PHE A 49 -5.58 6.54 9.56
N GLY A 50 -6.14 6.75 10.74
CA GLY A 50 -5.45 7.56 11.74
C GLY A 50 -4.12 6.95 12.14
N LYS A 51 -4.08 5.63 12.32
CA LYS A 51 -2.85 4.92 12.61
C LYS A 51 -2.20 4.35 11.36
N GLY A 52 -3.00 3.74 10.47
CA GLY A 52 -2.49 3.26 9.21
C GLY A 52 -2.12 1.79 9.22
N ASN A 53 -2.90 0.97 8.53
CA ASN A 53 -2.60 -0.46 8.41
C ASN A 53 -3.10 -0.93 7.04
N SER A 54 -2.21 -0.89 6.06
CA SER A 54 -2.50 -1.33 4.70
C SER A 54 -3.88 -0.87 4.26
N VAL A 55 -4.20 0.38 4.57
CA VAL A 55 -5.54 0.92 4.31
C VAL A 55 -5.52 1.42 2.86
N SER A 56 -5.72 0.49 1.94
CA SER A 56 -5.79 0.83 0.52
C SER A 56 -6.28 -0.37 -0.28
N GLN A 57 -7.28 -0.17 -1.13
CA GLN A 57 -7.71 -1.23 -2.03
C GLN A 57 -6.61 -1.57 -3.02
N THR A 58 -5.87 -0.56 -3.48
CA THR A 58 -4.77 -0.79 -4.40
C THR A 58 -3.72 -1.71 -3.79
N ALA A 59 -3.44 -1.54 -2.50
CA ALA A 59 -2.45 -2.39 -1.84
C ALA A 59 -2.90 -3.84 -1.83
N GLU A 60 -4.18 -4.09 -1.51
CA GLU A 60 -4.69 -5.45 -1.51
C GLU A 60 -4.62 -6.05 -2.91
N ARG A 61 -5.00 -5.26 -3.92
CA ARG A 61 -4.92 -5.74 -5.30
C ARG A 61 -3.49 -6.10 -5.67
N THR A 62 -2.53 -5.27 -5.28
CA THR A 62 -1.13 -5.55 -5.58
C THR A 62 -0.66 -6.82 -4.88
N LYS A 63 -1.09 -7.01 -3.63
CA LYS A 63 -0.72 -8.23 -2.91
C LYS A 63 -1.24 -9.47 -3.63
N TYR A 64 -2.50 -9.44 -4.05
CA TYR A 64 -3.07 -10.56 -4.79
C TYR A 64 -2.31 -10.78 -6.08
N ARG A 65 -1.98 -9.69 -6.79
CA ARG A 65 -1.26 -9.82 -8.05
C ARG A 65 0.11 -10.46 -7.84
N SER A 66 0.81 -10.07 -6.78
CA SER A 66 2.12 -10.64 -6.51
C SER A 66 2.02 -12.14 -6.22
N VAL A 67 1.02 -12.52 -5.42
CA VAL A 67 0.83 -13.95 -5.13
C VAL A 67 0.59 -14.71 -6.43
N ARG A 68 -0.29 -14.19 -7.27
CA ARG A 68 -0.59 -14.84 -8.54
C ARG A 68 0.65 -14.94 -9.41
N ARG A 69 1.48 -13.89 -9.42
CA ARG A 69 2.69 -13.89 -10.23
C ARG A 69 3.65 -14.99 -9.78
N LEU A 70 3.84 -15.12 -8.47
CA LEU A 70 4.71 -16.18 -7.97
C LEU A 70 4.17 -17.56 -8.37
N ARG A 71 2.86 -17.76 -8.23
CA ARG A 71 2.28 -19.03 -8.61
C ARG A 71 2.50 -19.32 -10.09
N GLU A 72 2.29 -18.32 -10.94
CA GLU A 72 2.45 -18.51 -12.38
C GLU A 72 3.89 -18.85 -12.72
N ARG A 73 4.85 -18.19 -12.07
CA ARG A 73 6.25 -18.49 -12.36
C ARG A 73 6.61 -19.91 -11.93
N PHE A 74 6.09 -20.36 -10.79
CA PHE A 74 6.33 -21.75 -10.40
C PHE A 74 5.76 -22.71 -11.44
N LEU A 75 4.55 -22.44 -11.93
CA LEU A 75 3.95 -23.30 -12.94
C LEU A 75 4.78 -23.32 -14.22
N LEU A 76 5.28 -22.16 -14.63
CA LEU A 76 6.12 -22.10 -15.83
C LEU A 76 7.40 -22.90 -15.65
N ARG A 77 8.02 -22.81 -14.48
CA ARG A 77 9.20 -23.63 -14.21
C ARG A 77 8.88 -25.10 -14.33
N ARG A 78 7.74 -25.52 -13.77
CA ARG A 78 7.36 -26.93 -13.86
C ARG A 78 7.17 -27.35 -15.31
N GLU A 79 6.52 -26.51 -16.11
CA GLU A 79 6.29 -26.85 -17.52
C GLU A 79 7.61 -27.00 -18.27
N ARG A 80 8.56 -26.09 -18.05
CA ARG A 80 9.84 -26.19 -18.73
C ARG A 80 10.60 -27.43 -18.30
N LEU A 81 10.54 -27.76 -17.00
CA LEU A 81 11.14 -29.01 -16.54
C LEU A 81 10.52 -30.20 -17.23
N HIS A 82 9.19 -30.20 -17.36
CA HIS A 82 8.51 -31.30 -18.04
C HIS A 82 9.03 -31.46 -19.47
N ARG A 83 9.12 -30.33 -20.19
CA ARG A 83 9.57 -30.42 -21.58
C ARG A 83 11.00 -30.95 -21.67
N VAL A 84 11.90 -30.44 -20.83
CA VAL A 84 13.28 -30.88 -20.88
C VAL A 84 13.38 -32.36 -20.55
N LEU A 85 12.68 -32.81 -19.50
CA LEU A 85 12.75 -34.21 -19.12
C LEU A 85 12.13 -35.11 -20.17
N TYR A 86 11.06 -34.66 -20.84
CA TYR A 86 10.49 -35.43 -21.92
C TYR A 86 11.49 -35.61 -23.06
N ILE A 87 12.19 -34.54 -23.43
CA ILE A 87 13.22 -34.68 -24.46
C ILE A 87 14.29 -35.65 -23.99
N LEU A 88 14.69 -35.56 -22.72
CA LEU A 88 15.68 -36.48 -22.18
C LEU A 88 15.15 -37.90 -22.06
N ASN A 89 13.84 -38.09 -22.11
CA ASN A 89 13.22 -39.40 -21.97
C ASN A 89 13.38 -39.93 -20.54
N PHE A 90 13.23 -39.04 -19.56
CA PHE A 90 13.34 -39.43 -18.16
C PHE A 90 11.98 -39.65 -17.49
N LEU A 91 10.91 -39.12 -18.06
CA LEU A 91 9.60 -39.28 -17.44
C LEU A 91 9.09 -40.71 -17.64
N PRO A 92 8.38 -41.27 -16.66
CA PRO A 92 7.72 -42.56 -16.90
C PRO A 92 6.63 -42.44 -17.95
N GLU A 93 6.41 -43.53 -18.67
CA GLU A 93 5.51 -43.49 -19.81
C GLU A 93 4.10 -43.10 -19.41
N HIS A 94 3.58 -43.68 -18.32
CA HIS A 94 2.23 -43.36 -17.89
C HIS A 94 2.10 -41.89 -17.50
N TYR A 95 3.16 -41.31 -16.94
CA TYR A 95 3.12 -39.91 -16.55
C TYR A 95 3.20 -39.00 -17.78
N ALA A 96 4.07 -39.33 -18.73
CA ALA A 96 4.21 -38.49 -19.92
C ALA A 96 2.98 -38.58 -20.81
N SER A 97 2.28 -39.71 -20.79
CA SER A 97 1.12 -39.87 -21.66
C SER A 97 0.01 -38.87 -21.36
N GLN A 98 0.01 -38.29 -20.16
CA GLN A 98 -1.03 -37.35 -19.76
C GLN A 98 -0.55 -35.90 -19.77
N ILE A 99 0.59 -35.62 -20.41
CA ILE A 99 1.11 -34.26 -20.54
C ILE A 99 1.10 -33.88 -22.02
N ASP A 100 0.69 -32.65 -22.30
CA ASP A 100 0.60 -32.16 -23.67
C ASP A 100 1.93 -31.56 -24.08
N PHE A 101 2.47 -32.05 -25.20
CA PHE A 101 3.76 -31.60 -25.71
C PHE A 101 3.65 -31.03 -27.12
N GLU A 102 2.44 -30.71 -27.58
CA GLU A 102 2.22 -30.19 -28.93
C GLU A 102 1.60 -28.81 -28.94
N LYS A 103 0.53 -28.59 -28.16
CA LYS A 103 -0.14 -27.30 -28.13
C LYS A 103 0.08 -26.56 -26.83
N ARG A 104 -0.26 -27.19 -25.70
CA ARG A 104 -0.02 -26.60 -24.38
C ARG A 104 1.23 -27.30 -23.82
N LEU A 105 2.39 -26.78 -24.20
CA LEU A 105 3.64 -27.46 -23.93
C LEU A 105 3.86 -27.64 -22.44
N GLY A 106 4.00 -28.89 -22.01
CA GLY A 106 4.33 -29.20 -20.63
C GLY A 106 3.18 -29.17 -19.66
N LYS A 107 1.96 -28.94 -20.13
CA LYS A 107 0.79 -28.88 -19.25
C LYS A 107 0.08 -30.23 -19.22
N PHE A 108 -0.50 -30.55 -18.08
CA PHE A 108 -1.31 -31.75 -17.96
C PHE A 108 -2.54 -31.64 -18.84
N LYS A 109 -2.93 -32.75 -19.46
CA LYS A 109 -4.12 -32.75 -20.30
C LYS A 109 -5.36 -32.49 -19.44
N VAL A 110 -6.38 -31.92 -20.08
CA VAL A 110 -7.56 -31.46 -19.34
C VAL A 110 -8.19 -32.62 -18.58
N GLU A 111 -8.68 -32.33 -17.39
CA GLU A 111 -9.38 -33.31 -16.55
C GLU A 111 -8.49 -34.52 -16.25
N THR A 112 -7.25 -34.23 -15.85
CA THR A 112 -6.31 -35.26 -15.42
C THR A 112 -5.47 -34.72 -14.28
N GLU A 113 -5.15 -35.59 -13.33
CA GLU A 113 -4.28 -35.26 -12.20
C GLU A 113 -3.23 -36.35 -12.07
N PRO A 114 -2.35 -36.48 -13.06
CA PRO A 114 -1.36 -37.57 -13.01
C PRO A 114 -0.37 -37.40 -11.88
N LYS A 115 0.13 -38.54 -11.39
CA LYS A 115 1.16 -38.57 -10.37
C LYS A 115 2.35 -39.36 -10.92
N LEU A 116 3.56 -38.83 -10.70
CA LEU A 116 4.74 -39.42 -11.31
C LEU A 116 5.04 -40.81 -10.77
N VAL A 117 4.70 -41.07 -9.51
CA VAL A 117 5.12 -42.29 -8.84
C VAL A 117 3.96 -43.26 -8.58
N TRP A 118 2.73 -42.87 -8.87
CA TRP A 118 1.57 -43.73 -8.67
C TRP A 118 0.97 -44.05 -10.04
N LYS A 119 1.09 -45.31 -10.45
CA LYS A 119 0.60 -45.76 -11.76
C LYS A 119 -0.77 -46.39 -11.59
N ASN A 120 -1.72 -45.95 -12.41
CA ASN A 120 -3.10 -46.41 -12.34
C ASN A 120 -3.34 -47.45 -13.41
N THR A 121 -3.67 -48.67 -12.99
CA THR A 121 -3.99 -49.76 -13.90
C THR A 121 -5.35 -50.31 -13.52
N ASP A 122 -6.31 -50.24 -14.45
CA ASP A 122 -7.67 -50.72 -14.24
C ASP A 122 -8.20 -50.33 -12.86
N GLY A 123 -7.98 -49.07 -12.50
CA GLY A 123 -8.55 -48.51 -11.28
C GLY A 123 -7.78 -48.79 -10.01
N GLN A 124 -6.61 -49.43 -10.10
CA GLN A 124 -5.78 -49.71 -8.94
C GLN A 124 -4.47 -48.95 -9.06
N PHE A 125 -4.07 -48.28 -7.98
CA PHE A 125 -2.86 -47.48 -7.96
C PHE A 125 -1.72 -48.28 -7.36
N SER A 126 -0.58 -48.28 -8.05
CA SER A 126 0.60 -49.02 -7.62
C SER A 126 1.78 -48.06 -7.54
N PHE A 127 2.61 -48.25 -6.51
CA PHE A 127 3.83 -47.46 -6.40
C PHE A 127 4.82 -47.90 -7.47
N LEU A 128 5.61 -46.93 -7.94
CA LEU A 128 6.45 -47.16 -9.12
C LEU A 128 7.83 -47.68 -8.76
N PHE A 129 8.43 -47.20 -7.68
CA PHE A 129 9.79 -47.54 -7.28
C PHE A 129 9.73 -48.51 -6.10
N GLN A 130 9.57 -49.80 -6.41
CA GLN A 130 9.47 -50.81 -5.36
C GLN A 130 10.83 -51.11 -4.74
N ASN A 131 11.87 -51.23 -5.57
CA ASN A 131 13.19 -51.59 -5.05
C ASN A 131 13.74 -50.52 -4.11
N SER A 132 13.55 -49.25 -4.46
CA SER A 132 13.99 -48.17 -3.58
C SER A 132 13.25 -48.23 -2.25
N PHE A 133 11.95 -48.51 -2.29
CA PHE A 133 11.19 -48.65 -1.05
C PHE A 133 11.71 -49.81 -0.22
N ASN A 134 12.06 -50.91 -0.86
CA ASN A 134 12.62 -52.05 -0.12
C ASN A 134 13.94 -51.68 0.53
N GLU A 135 14.79 -50.95 -0.19
CA GLU A 135 16.06 -50.51 0.41
C GLU A 135 15.81 -49.57 1.59
N MET A 136 14.84 -48.67 1.47
CA MET A 136 14.48 -47.81 2.58
C MET A 136 13.98 -48.63 3.77
N LEU A 137 13.20 -49.67 3.50
CA LEU A 137 12.74 -50.54 4.57
C LEU A 137 13.91 -51.23 5.25
N GLU A 138 14.91 -51.66 4.47
CA GLU A 138 16.11 -52.24 5.06
C GLU A 138 16.81 -51.23 5.96
N ASP A 139 16.91 -49.99 5.50
CA ASP A 139 17.52 -48.94 6.34
C ASP A 139 16.76 -48.81 7.66
N PHE A 140 15.43 -48.71 7.59
CA PHE A 140 14.64 -48.54 8.79
C PHE A 140 14.77 -49.74 9.72
N LYS A 141 14.77 -50.95 9.16
CA LYS A 141 14.93 -52.14 9.97
C LYS A 141 16.29 -52.15 10.67
N ALA A 142 17.34 -51.76 9.96
CA ALA A 142 18.65 -51.64 10.61
C ALA A 142 18.59 -50.61 11.73
N ALA A 143 17.90 -49.50 11.51
CA ALA A 143 17.69 -48.53 12.58
C ALA A 143 16.79 -49.10 13.68
N GLY A 144 16.10 -50.21 13.41
CA GLY A 144 15.28 -50.85 14.42
C GLY A 144 14.07 -50.04 14.86
N GLN A 145 13.30 -49.51 13.90
CA GLN A 145 12.12 -48.72 14.23
C GLN A 145 10.83 -49.43 13.88
N GLU A 146 10.61 -49.76 12.61
CA GLU A 146 9.38 -50.39 12.13
C GLU A 146 9.57 -50.69 10.65
N LEU A 147 8.61 -51.42 10.08
CA LEU A 147 8.63 -51.76 8.66
C LEU A 147 7.39 -51.30 7.93
N LYS A 148 6.49 -50.57 8.58
CA LYS A 148 5.26 -50.07 7.97
C LYS A 148 5.37 -48.55 7.88
N ILE A 149 5.82 -48.06 6.73
CA ILE A 149 6.01 -46.62 6.52
C ILE A 149 5.44 -46.24 5.16
N PRO A 150 5.06 -44.97 5.00
CA PRO A 150 4.49 -44.53 3.73
C PRO A 150 5.46 -44.72 2.56
N TYR A 151 4.89 -45.03 1.40
CA TYR A 151 5.71 -45.22 0.20
C TYR A 151 6.42 -43.94 -0.19
N ASP A 152 5.75 -42.80 -0.07
CA ASP A 152 6.28 -41.53 -0.58
C ASP A 152 7.47 -41.03 0.22
N TRP A 153 7.81 -41.67 1.34
CA TRP A 153 9.05 -41.35 2.03
C TRP A 153 10.27 -41.69 1.21
N THR A 154 10.11 -42.47 0.13
CA THR A 154 11.25 -42.90 -0.67
C THR A 154 11.98 -41.72 -1.31
N ILE A 155 11.35 -40.56 -1.42
CA ILE A 155 12.00 -39.42 -2.04
C ILE A 155 13.26 -39.04 -1.26
N TYR A 156 13.18 -39.04 0.07
CA TYR A 156 14.33 -38.65 0.87
C TYR A 156 15.41 -39.73 0.85
N HIS A 157 15.00 -41.00 0.81
CA HIS A 157 15.97 -42.07 0.65
C HIS A 157 16.73 -41.92 -0.66
N LEU A 158 16.04 -41.60 -1.74
CA LEU A 158 16.70 -41.38 -3.02
C LEU A 158 17.61 -40.16 -2.96
N ARG A 159 17.14 -39.09 -2.32
CA ARG A 159 17.98 -37.88 -2.22
C ARG A 159 19.28 -38.19 -1.49
N LYS A 160 19.22 -38.96 -0.41
CA LYS A 160 20.44 -39.37 0.26
C LYS A 160 21.28 -40.27 -0.65
N LYS A 161 20.64 -41.21 -1.33
CA LYS A 161 21.37 -42.17 -2.15
C LYS A 161 22.02 -41.51 -3.35
N ALA A 162 21.34 -40.54 -3.96
CA ALA A 162 21.82 -39.95 -5.21
C ALA A 162 23.16 -39.26 -5.04
N ILE A 163 23.55 -38.93 -3.82
CA ILE A 163 24.80 -38.20 -3.61
C ILE A 163 25.99 -39.06 -4.00
N SER A 164 25.89 -40.39 -3.86
CA SER A 164 27.04 -41.26 -4.09
C SER A 164 26.76 -42.51 -4.89
N GLN A 165 25.52 -42.72 -5.36
CA GLN A 165 25.19 -43.94 -6.07
C GLN A 165 24.25 -43.63 -7.23
N LYS A 166 24.18 -44.57 -8.17
CA LYS A 166 23.30 -44.43 -9.31
C LYS A 166 21.85 -44.65 -8.91
N ILE A 167 20.96 -43.85 -9.49
CA ILE A 167 19.53 -43.99 -9.27
C ILE A 167 18.84 -44.00 -10.64
N GLU A 168 17.64 -44.55 -10.67
CA GLU A 168 16.88 -44.61 -11.91
C GLU A 168 16.53 -43.21 -12.39
N LYS A 169 16.47 -43.04 -13.71
CA LYS A 169 16.24 -41.72 -14.27
C LYS A 169 14.88 -41.15 -13.88
N GLU A 170 13.86 -42.01 -13.77
CA GLU A 170 12.56 -41.53 -13.30
C GLU A 170 12.66 -40.98 -11.88
N GLU A 171 13.44 -41.64 -11.02
CA GLU A 171 13.68 -41.12 -9.69
C GLU A 171 14.38 -39.77 -9.75
N LEU A 172 15.31 -39.60 -10.69
CA LEU A 172 15.98 -38.32 -10.87
C LEU A 172 14.99 -37.23 -11.26
N ALA A 173 14.05 -37.56 -12.14
CA ALA A 173 13.02 -36.60 -12.51
C ALA A 173 12.15 -36.22 -11.31
N TRP A 174 11.78 -37.22 -10.52
CA TRP A 174 11.02 -36.95 -9.29
C TRP A 174 11.79 -35.99 -8.39
N ILE A 175 13.08 -36.24 -8.20
CA ILE A 175 13.90 -35.39 -7.35
C ILE A 175 13.96 -33.97 -7.92
N LEU A 176 14.13 -33.86 -9.23
CA LEU A 176 14.22 -32.53 -9.84
C LEU A 176 12.94 -31.74 -9.64
N LEU A 177 11.79 -32.36 -9.85
CA LEU A 177 10.52 -31.67 -9.63
C LEU A 177 10.35 -31.28 -8.17
N ASN A 178 10.71 -32.20 -7.25
CA ASN A 178 10.62 -31.87 -5.83
C ASN A 178 11.51 -30.68 -5.49
N PHE A 179 12.71 -30.63 -6.06
CA PHE A 179 13.57 -29.47 -5.85
C PHE A 179 12.92 -28.20 -6.37
N ASN A 180 12.27 -28.29 -7.53
CA ASN A 180 11.55 -27.12 -8.05
C ASN A 180 10.47 -26.67 -7.07
N HIS A 181 9.89 -27.59 -6.31
CA HIS A 181 8.82 -27.21 -5.39
C HIS A 181 9.31 -26.25 -4.30
N LYS A 182 10.48 -26.52 -3.73
CA LYS A 182 10.96 -25.80 -2.54
C LYS A 182 12.32 -25.17 -2.87
N ARG A 183 12.34 -23.85 -2.99
CA ARG A 183 13.52 -23.14 -3.51
C ARG A 183 14.36 -22.49 -2.43
N GLY A 184 13.78 -22.04 -1.33
CA GLY A 184 14.52 -21.48 -0.23
C GLY A 184 14.65 -19.97 -0.31
N TYR A 185 15.24 -19.40 0.73
CA TYR A 185 15.38 -17.97 0.89
C TYR A 185 16.63 -17.47 0.16
N TYR A 186 16.48 -16.37 -0.56
CA TYR A 186 17.57 -15.80 -1.33
C TYR A 186 17.32 -14.31 -1.52
N GLN A 187 18.38 -13.52 -1.37
CA GLN A 187 18.32 -12.07 -1.57
C GLN A 187 19.04 -11.72 -2.87
N LEU A 188 18.36 -10.93 -3.71
CA LEU A 188 18.86 -10.68 -5.06
C LEU A 188 20.23 -10.02 -5.04
N ARG A 189 20.40 -9.01 -4.21
CA ARG A 189 21.65 -8.28 -4.18
C ARG A 189 22.77 -9.12 -3.63
N GLY A 190 22.54 -9.72 -2.49
CA GLY A 190 23.58 -10.52 -1.85
C GLY A 190 24.46 -9.69 -0.94
N GLU A 191 25.66 -9.34 -1.43
CA GLU A 191 26.60 -8.50 -0.68
C GLU A 191 26.95 -9.16 0.66
N ASP A 192 27.64 -10.29 0.54
CA ASP A 192 28.14 -11.01 1.71
C ASP A 192 28.71 -10.04 2.73
N PHE A 193 28.15 -10.07 3.94
CA PHE A 193 28.45 -9.09 4.96
C PHE A 193 29.80 -9.42 5.61
N GLU A 194 30.07 -8.79 6.75
CA GLU A 194 31.30 -9.00 7.50
C GLU A 194 31.72 -10.46 7.43
N GLU A 195 33.02 -10.69 7.17
CA GLU A 195 33.50 -12.04 6.95
C GLU A 195 33.05 -12.97 8.08
N GLU A 196 33.16 -12.50 9.33
CA GLU A 196 32.67 -13.30 10.45
C GLU A 196 31.14 -13.40 10.42
N LYS A 197 30.45 -12.26 10.30
CA LYS A 197 28.98 -12.24 10.32
C LYS A 197 28.50 -13.37 11.21
N ASP A 198 28.97 -13.37 12.44
CA ASP A 198 28.69 -14.49 13.34
C ASP A 198 27.21 -14.85 13.33
N LYS A 199 26.35 -13.89 13.69
CA LYS A 199 24.90 -14.10 13.66
C LYS A 199 24.54 -15.48 14.16
N THR A 200 25.21 -15.94 15.21
CA THR A 200 25.06 -17.30 15.70
C THR A 200 23.92 -17.34 16.73
N PHE A 201 23.00 -18.28 16.54
CA PHE A 201 21.96 -18.51 17.54
C PHE A 201 22.54 -19.37 18.65
N VAL A 202 22.57 -18.83 19.87
CA VAL A 202 23.16 -19.50 21.01
C VAL A 202 22.17 -19.51 22.15
N ARG A 203 22.32 -20.50 23.04
CA ARG A 203 21.52 -20.61 24.26
C ARG A 203 22.48 -20.58 25.43
N LEU A 204 22.47 -19.49 26.19
CA LEU A 204 23.42 -19.26 27.26
C LEU A 204 22.70 -19.22 28.60
N LYS A 205 23.41 -19.66 29.64
CA LYS A 205 22.88 -19.69 30.99
C LYS A 205 23.59 -18.65 31.84
N VAL A 206 22.81 -17.89 32.62
CA VAL A 206 23.37 -16.84 33.46
C VAL A 206 23.99 -17.47 34.70
N ASP A 207 25.24 -17.09 34.98
CA ASP A 207 25.95 -17.59 36.15
C ASP A 207 25.68 -16.71 37.38
N ARG A 208 26.00 -15.43 37.27
CA ARG A 208 25.76 -14.49 38.37
C ARG A 208 25.54 -13.11 37.77
N ILE A 209 24.90 -12.25 38.55
CA ILE A 209 24.60 -10.87 38.14
C ILE A 209 25.30 -9.97 39.15
N VAL A 210 26.50 -9.55 38.80
CA VAL A 210 27.27 -8.70 39.70
C VAL A 210 26.74 -7.29 39.70
N ASP A 211 26.03 -6.89 40.75
CA ASP A 211 25.59 -5.52 40.85
C ASP A 211 26.84 -4.71 40.57
N SER A 212 26.83 -3.95 39.48
CA SER A 212 28.04 -3.23 39.07
C SER A 212 28.13 -1.86 39.72
N GLY A 213 27.64 -1.71 40.93
CA GLY A 213 27.59 -0.39 41.54
C GLY A 213 27.15 0.71 40.59
N GLU A 214 26.10 0.46 39.82
CA GLU A 214 25.54 1.43 38.88
C GLU A 214 24.11 1.74 39.30
N ASN A 215 23.96 2.72 40.19
CA ASN A 215 22.66 3.11 40.70
C ASN A 215 21.99 4.06 39.70
N VAL A 216 20.88 3.61 39.11
CA VAL A 216 20.10 4.41 38.17
C VAL A 216 18.64 4.28 38.53
N LYS A 217 17.94 5.41 38.56
CA LYS A 217 16.50 5.43 38.88
C LYS A 217 16.24 4.75 40.22
N GLY A 218 17.10 5.05 41.20
CA GLY A 218 16.93 4.46 42.52
C GLY A 218 17.07 2.96 42.55
N LYS A 219 17.97 2.42 41.72
CA LYS A 219 18.21 0.98 41.69
C LYS A 219 19.56 0.74 41.04
N ILE A 220 20.28 -0.25 41.56
CA ILE A 220 21.60 -0.59 41.05
C ILE A 220 21.45 -1.57 39.89
N LEU A 221 21.96 -1.18 38.72
CA LEU A 221 21.88 -2.02 37.54
C LEU A 221 22.92 -3.13 37.61
N TYR A 222 22.48 -4.36 37.38
CA TYR A 222 23.37 -5.52 37.42
C TYR A 222 23.89 -5.84 36.02
N ASP A 223 25.07 -6.45 35.99
CA ASP A 223 25.62 -7.00 34.76
C ASP A 223 25.21 -8.47 34.66
N VAL A 224 25.73 -9.18 33.66
CA VAL A 224 25.42 -10.59 33.47
C VAL A 224 26.68 -11.30 32.98
N TYR A 225 26.83 -12.56 33.41
CA TYR A 225 27.94 -13.40 33.00
C TYR A 225 27.40 -14.75 32.53
N PHE A 226 28.04 -15.31 31.52
CA PHE A 226 27.61 -16.57 30.93
C PHE A 226 28.69 -17.63 31.10
N GLU A 227 28.27 -18.89 31.16
CA GLU A 227 29.21 -19.98 31.44
C GLU A 227 30.38 -19.96 30.46
N ASN A 228 30.13 -19.59 29.21
CA ASN A 228 31.21 -19.52 28.23
C ASN A 228 32.25 -18.48 28.60
N GLY A 229 31.88 -17.49 29.42
CA GLY A 229 32.80 -16.43 29.79
C GLY A 229 32.51 -15.15 29.04
N TRP A 230 31.23 -14.87 28.80
CA TRP A 230 30.79 -13.69 28.08
C TRP A 230 29.95 -12.80 29.00
N LYS A 231 30.05 -11.50 28.78
CA LYS A 231 29.30 -10.51 29.55
C LYS A 231 28.24 -9.89 28.65
N TYR A 232 26.99 -9.94 29.10
CA TYR A 232 25.91 -9.31 28.35
C TYR A 232 26.18 -7.82 28.20
N ASP A 233 25.97 -7.31 26.98
CA ASP A 233 26.30 -5.91 26.71
C ASP A 233 25.47 -4.97 27.57
N LYS A 234 24.19 -5.27 27.74
CA LYS A 234 23.31 -4.41 28.50
C LYS A 234 23.21 -4.87 29.95
N GLN A 235 22.73 -3.97 30.81
CA GLN A 235 22.53 -4.27 32.21
C GLN A 235 21.12 -4.81 32.45
N VAL A 236 20.90 -5.34 33.65
CA VAL A 236 19.63 -5.95 34.01
C VAL A 236 19.19 -5.40 35.36
N VAL A 237 17.88 -5.41 35.58
CA VAL A 237 17.26 -4.97 36.83
C VAL A 237 16.43 -6.07 37.46
N LYS A 238 15.47 -6.61 36.71
CA LYS A 238 14.61 -7.68 37.19
C LYS A 238 15.41 -8.97 37.23
N THR A 239 15.93 -9.31 38.41
CA THR A 239 16.73 -10.51 38.55
C THR A 239 15.88 -11.78 38.56
N GLU A 240 14.58 -11.66 38.79
CA GLU A 240 13.73 -12.85 38.89
C GLU A 240 13.73 -13.64 37.59
N ASP A 241 13.69 -12.96 36.45
CA ASP A 241 13.64 -13.61 35.15
C ASP A 241 15.00 -13.69 34.48
N TRP A 242 16.08 -13.55 35.23
CA TRP A 242 17.42 -13.63 34.66
C TRP A 242 18.32 -14.60 35.44
N VAL A 243 18.08 -14.73 36.75
CA VAL A 243 18.91 -15.61 37.57
C VAL A 243 18.87 -17.02 36.99
N ASP A 244 20.06 -17.57 36.72
CA ASP A 244 20.23 -18.93 36.18
C ASP A 244 19.14 -19.27 35.17
N ARG A 245 18.91 -18.36 34.24
CA ARG A 245 17.96 -18.56 33.16
C ARG A 245 18.72 -18.88 31.88
N THR A 246 18.30 -19.94 31.19
CA THR A 246 18.92 -20.34 29.93
C THR A 246 18.26 -19.54 28.81
N LYS A 247 18.77 -18.33 28.59
CA LYS A 247 18.25 -17.46 27.56
C LYS A 247 18.95 -17.71 26.22
N GLU A 248 18.35 -17.23 25.15
CA GLU A 248 18.86 -17.44 23.80
C GLU A 248 18.92 -16.11 23.06
N PHE A 249 20.02 -15.91 22.33
CA PHE A 249 20.28 -14.65 21.64
C PHE A 249 20.78 -14.96 20.24
N ILE A 250 20.97 -13.91 19.45
CA ILE A 250 21.67 -13.98 18.17
C ILE A 250 22.84 -13.02 18.28
N VAL A 251 24.03 -13.56 18.53
CA VAL A 251 25.21 -12.75 18.81
C VAL A 251 25.96 -12.50 17.52
N SER A 252 26.34 -11.24 17.29
CA SER A 252 27.15 -10.85 16.14
C SER A 252 28.53 -10.44 16.63
N GLU A 253 29.57 -11.03 16.05
CA GLU A 253 30.94 -10.79 16.45
C GLU A 253 31.69 -10.12 15.31
N SER A 254 32.37 -9.02 15.61
CA SER A 254 33.14 -8.26 14.64
C SER A 254 34.53 -8.01 15.19
N ILE A 255 35.55 -8.33 14.40
CA ILE A 255 36.93 -8.11 14.83
C ILE A 255 37.20 -6.61 14.76
N LEU A 256 37.27 -5.97 15.93
CA LEU A 256 37.49 -4.53 15.98
C LEU A 256 38.93 -4.21 15.59
N LYS A 257 39.17 -2.93 15.29
CA LYS A 257 40.50 -2.51 14.87
C LYS A 257 41.56 -2.88 15.88
N ASN A 258 41.23 -2.86 17.17
CA ASN A 258 42.20 -3.23 18.19
C ASN A 258 42.68 -4.68 18.01
N GLY A 259 41.85 -5.53 17.42
CA GLY A 259 42.19 -6.92 17.23
C GLY A 259 41.42 -7.83 18.16
N GLU A 260 40.17 -7.48 18.44
CA GLU A 260 39.32 -8.24 19.33
C GLU A 260 37.89 -8.23 18.80
N THR A 261 37.10 -9.17 19.29
CA THR A 261 35.71 -9.30 18.84
C THR A 261 34.83 -8.29 19.56
N LYS A 262 34.04 -7.54 18.80
CA LYS A 262 33.03 -6.64 19.35
C LYS A 262 31.70 -7.39 19.32
N ARG A 263 31.51 -8.26 20.30
CA ARG A 263 30.32 -9.10 20.35
C ARG A 263 29.11 -8.28 20.77
N THR A 264 28.03 -8.41 20.01
CA THR A 264 26.75 -7.80 20.35
C THR A 264 25.78 -8.88 20.82
N PHE A 265 24.55 -8.47 21.11
CA PHE A 265 23.54 -9.40 21.58
C PHE A 265 22.18 -8.96 21.06
N LYS A 266 21.28 -9.93 20.91
CA LYS A 266 19.92 -9.66 20.46
C LYS A 266 19.03 -10.78 20.98
N ALA A 267 18.28 -10.49 22.05
CA ALA A 267 17.38 -11.49 22.61
C ALA A 267 16.32 -11.87 21.58
N VAL A 268 16.11 -13.18 21.42
CA VAL A 268 15.15 -13.72 20.48
C VAL A 268 14.38 -14.86 21.17
N ASP A 269 13.39 -15.39 20.46
CA ASP A 269 12.60 -16.51 20.97
C ASP A 269 12.46 -17.53 19.86
N SER A 270 12.90 -18.76 20.12
CA SER A 270 12.74 -19.82 19.15
C SER A 270 11.26 -20.10 18.92
N GLU A 271 10.96 -20.68 17.76
CA GLU A 271 9.61 -21.05 17.36
C GLU A 271 8.64 -19.89 17.44
N LYS A 272 9.15 -18.66 17.52
CA LYS A 272 8.31 -17.48 17.44
C LYS A 272 8.94 -16.42 16.55
N ASP A 273 10.27 -16.43 16.44
CA ASP A 273 11.02 -15.45 15.67
C ASP A 273 11.48 -16.07 14.37
N TRP A 274 11.23 -15.37 13.26
CA TRP A 274 11.64 -15.85 11.95
C TRP A 274 13.15 -16.06 11.88
N ILE A 275 13.91 -15.03 12.28
CA ILE A 275 15.36 -15.09 12.19
C ILE A 275 15.90 -16.19 13.08
N ALA A 276 15.38 -16.30 14.30
CA ALA A 276 15.87 -17.32 15.23
C ALA A 276 15.63 -18.72 14.68
N ILE A 277 14.42 -18.97 14.17
CA ILE A 277 14.11 -20.28 13.61
C ILE A 277 15.04 -20.59 12.44
N LYS A 278 15.20 -19.62 11.53
CA LYS A 278 16.03 -19.84 10.37
C LYS A 278 17.47 -20.15 10.76
N THR A 279 18.04 -19.35 11.67
CA THR A 279 19.42 -19.55 12.07
C THR A 279 19.60 -20.88 12.79
N LYS A 280 18.65 -21.24 13.67
CA LYS A 280 18.76 -22.51 14.38
C LYS A 280 18.72 -23.68 13.41
N THR A 281 17.79 -23.66 12.45
CA THR A 281 17.71 -24.74 11.49
C THR A 281 18.98 -24.83 10.64
N GLU A 282 19.49 -23.69 10.19
CA GLU A 282 20.70 -23.69 9.38
C GLU A 282 21.88 -24.24 10.16
N GLN A 283 22.03 -23.82 11.43
CA GLN A 283 23.12 -24.33 12.25
C GLN A 283 22.98 -25.84 12.46
N GLU A 284 21.76 -26.31 12.71
CA GLU A 284 21.56 -27.75 12.88
C GLU A 284 21.94 -28.51 11.63
N ILE A 285 21.57 -27.99 10.46
CA ILE A 285 21.94 -28.66 9.21
C ILE A 285 23.46 -28.66 9.05
N GLU A 286 24.10 -27.52 9.31
CA GLU A 286 25.53 -27.42 9.08
C GLU A 286 26.32 -28.33 10.01
N HIS A 287 25.94 -28.39 11.29
CA HIS A 287 26.69 -29.18 12.26
C HIS A 287 26.66 -30.67 11.94
N SER A 288 25.65 -31.13 11.22
CA SER A 288 25.57 -32.53 10.84
C SER A 288 26.55 -32.88 9.72
N HIS A 289 27.11 -31.89 9.03
CA HIS A 289 28.02 -32.13 7.91
C HIS A 289 27.36 -32.96 6.82
N LYS A 290 26.08 -32.66 6.56
CA LYS A 290 25.31 -33.42 5.59
C LYS A 290 24.35 -32.48 4.88
N THR A 291 23.87 -32.91 3.71
CA THR A 291 22.94 -32.11 2.94
C THR A 291 21.59 -32.07 3.63
N VAL A 292 20.75 -31.12 3.20
CA VAL A 292 19.45 -30.94 3.82
C VAL A 292 18.60 -32.19 3.63
N GLY A 293 18.64 -32.80 2.44
CA GLY A 293 17.88 -34.02 2.22
C GLY A 293 18.32 -35.16 3.13
N THR A 294 19.64 -35.35 3.25
CA THR A 294 20.14 -36.38 4.14
C THR A 294 19.79 -36.07 5.59
N TYR A 295 19.88 -34.80 5.97
CA TYR A 295 19.49 -34.41 7.32
C TYR A 295 18.05 -34.78 7.60
N ILE A 296 17.15 -34.46 6.67
CA ILE A 296 15.74 -34.81 6.84
C ILE A 296 15.57 -36.32 6.93
N TYR A 297 16.27 -37.06 6.06
CA TYR A 297 16.12 -38.52 6.05
C TYR A 297 16.56 -39.12 7.36
N GLU A 298 17.69 -38.66 7.91
CA GLU A 298 18.19 -39.24 9.16
C GLU A 298 17.33 -38.83 10.34
N THR A 299 16.86 -37.59 10.36
CA THR A 299 15.92 -37.18 11.41
C THR A 299 14.66 -38.04 11.36
N LEU A 300 14.17 -38.31 10.15
CA LEU A 300 12.97 -39.14 10.00
C LEU A 300 13.25 -40.57 10.43
N LEU A 301 14.47 -41.06 10.19
CA LEU A 301 14.85 -42.37 10.70
C LEU A 301 14.82 -42.40 12.22
N GLN A 302 15.30 -41.33 12.87
CA GLN A 302 15.33 -41.31 14.32
C GLN A 302 13.92 -41.23 14.90
N ASN A 303 13.09 -40.33 14.37
CA ASN A 303 11.75 -40.09 14.89
C ASN A 303 10.75 -40.13 13.74
N PRO A 304 10.16 -41.30 13.47
CA PRO A 304 9.23 -41.39 12.33
C PRO A 304 8.03 -40.47 12.41
N LYS A 305 7.66 -40.01 13.61
CA LYS A 305 6.51 -39.15 13.78
C LYS A 305 6.81 -37.69 13.49
N GLN A 306 8.07 -37.36 13.16
CA GLN A 306 8.46 -35.97 12.97
C GLN A 306 7.71 -35.34 11.79
N LYS A 307 7.23 -34.12 12.02
CA LYS A 307 6.67 -33.31 10.94
C LYS A 307 7.80 -32.61 10.21
N ILE A 308 7.82 -32.73 8.88
CA ILE A 308 8.90 -32.14 8.10
C ILE A 308 8.48 -30.76 7.62
N LYS A 309 7.46 -30.70 6.77
CA LYS A 309 7.02 -29.43 6.19
C LYS A 309 6.35 -28.58 7.26
N GLY A 310 6.89 -27.39 7.48
CA GLY A 310 6.32 -26.45 8.42
C GLY A 310 6.76 -26.64 9.85
N LYS A 311 7.46 -27.74 10.16
CA LYS A 311 8.02 -27.94 11.50
C LYS A 311 9.52 -28.10 11.49
N LEU A 312 10.06 -29.01 10.70
CA LEU A 312 11.49 -29.33 10.80
C LEU A 312 12.34 -28.40 9.95
N VAL A 313 11.98 -28.25 8.69
CA VAL A 313 12.71 -27.37 7.84
C VAL A 313 11.69 -26.52 7.15
N ARG A 314 11.65 -25.27 7.53
CA ARG A 314 10.79 -24.30 6.90
C ARG A 314 11.58 -23.45 5.91
N THR A 315 11.99 -22.24 6.29
CA THR A 315 12.73 -21.37 5.38
C THR A 315 14.20 -21.49 5.61
N ILE A 316 14.99 -21.72 4.57
CA ILE A 316 16.43 -21.71 4.80
C ILE A 316 17.08 -21.11 3.56
N GLU A 317 18.40 -20.89 3.66
CA GLU A 317 19.12 -20.27 2.56
C GLU A 317 19.08 -21.15 1.34
N ARG A 318 18.96 -20.52 0.16
CA ARG A 318 18.90 -21.26 -1.09
C ARG A 318 20.20 -22.02 -1.37
N LYS A 319 21.29 -21.64 -0.70
CA LYS A 319 22.57 -22.27 -0.96
C LYS A 319 22.53 -23.76 -0.63
N PHE A 320 21.80 -24.13 0.43
CA PHE A 320 21.70 -25.54 0.79
C PHE A 320 21.07 -26.36 -0.32
N TYR A 321 19.92 -25.90 -0.83
CA TYR A 321 19.26 -26.61 -1.92
C TYR A 321 20.15 -26.64 -3.16
N LYS A 322 20.78 -25.52 -3.48
CA LYS A 322 21.63 -25.47 -4.67
C LYS A 322 22.79 -26.45 -4.55
N GLU A 323 23.44 -26.50 -3.39
CA GLU A 323 24.56 -27.42 -3.19
C GLU A 323 24.11 -28.86 -3.29
N GLU A 324 22.97 -29.20 -2.66
CA GLU A 324 22.50 -30.57 -2.74
C GLU A 324 22.18 -30.97 -4.17
N LEU A 325 21.48 -30.09 -4.90
CA LEU A 325 21.13 -30.42 -6.28
C LEU A 325 22.37 -30.52 -7.16
N ARG A 326 23.36 -29.65 -6.94
CA ARG A 326 24.59 -29.74 -7.71
C ARG A 326 25.30 -31.06 -7.44
N GLN A 327 25.37 -31.48 -6.17
CA GLN A 327 26.00 -32.75 -5.86
C GLN A 327 25.26 -33.90 -6.53
N ILE A 328 23.93 -33.90 -6.45
CA ILE A 328 23.14 -34.98 -7.04
C ILE A 328 23.39 -35.05 -8.55
N LEU A 329 23.30 -33.90 -9.22
CA LEU A 329 23.45 -33.87 -10.67
C LEU A 329 24.86 -34.26 -11.08
N GLU A 330 25.88 -33.78 -10.36
CA GLU A 330 27.24 -34.14 -10.68
C GLU A 330 27.47 -35.63 -10.54
N LYS A 331 26.94 -36.23 -9.46
CA LYS A 331 27.11 -37.67 -9.29
C LYS A 331 26.37 -38.46 -10.36
N GLN A 332 25.14 -38.05 -10.69
CA GLN A 332 24.34 -38.81 -11.64
C GLN A 332 24.79 -38.62 -13.08
N LYS A 333 25.51 -37.52 -13.39
CA LYS A 333 26.04 -37.35 -14.73
C LYS A 333 27.05 -38.43 -15.08
N GLU A 334 27.71 -39.01 -14.08
CA GLU A 334 28.71 -40.03 -14.32
C GLU A 334 28.09 -41.34 -14.79
N PHE A 335 26.82 -41.58 -14.47
CA PHE A 335 26.19 -42.88 -14.74
C PHE A 335 25.24 -42.85 -15.94
N HIS A 336 24.54 -41.74 -16.15
CA HIS A 336 23.54 -41.66 -17.22
C HIS A 336 24.18 -40.98 -18.43
N GLN A 337 24.36 -41.74 -19.50
CA GLN A 337 24.96 -41.18 -20.72
C GLN A 337 24.10 -40.08 -21.33
N GLU A 338 22.79 -40.08 -21.04
CA GLU A 338 21.94 -39.03 -21.58
C GLU A 338 22.37 -37.66 -21.10
N LEU A 339 22.89 -37.57 -19.88
CA LEU A 339 23.37 -36.30 -19.35
C LEU A 339 24.72 -35.90 -19.93
N GLN A 340 25.37 -36.79 -20.67
CA GLN A 340 26.63 -36.48 -21.34
C GLN A 340 26.47 -36.26 -22.84
N SER A 341 25.29 -36.49 -23.39
CA SER A 341 25.08 -36.36 -24.83
C SER A 341 24.98 -34.90 -25.23
N ASP A 342 25.76 -34.50 -26.23
CA ASP A 342 25.66 -33.14 -26.76
C ASP A 342 24.44 -32.97 -27.65
N ASP A 343 24.05 -34.02 -28.38
CA ASP A 343 22.88 -33.92 -29.25
C ASP A 343 21.62 -33.65 -28.45
N LEU A 344 21.44 -34.38 -27.34
CA LEU A 344 20.25 -34.18 -26.52
C LEU A 344 20.27 -32.81 -25.86
N TYR A 345 21.44 -32.35 -25.43
CA TYR A 345 21.55 -31.01 -24.86
C TYR A 345 21.17 -29.95 -25.88
N ASN A 346 21.64 -30.10 -27.11
CA ASN A 346 21.27 -29.16 -28.16
C ASN A 346 19.78 -29.20 -28.43
N ASP A 347 19.19 -30.40 -28.43
CA ASP A 347 17.75 -30.52 -28.65
C ASP A 347 16.99 -29.81 -27.54
N CYS A 348 17.41 -29.97 -26.29
CA CYS A 348 16.73 -29.29 -25.19
C CYS A 348 16.85 -27.78 -25.32
N ILE A 349 18.05 -27.29 -25.67
CA ILE A 349 18.24 -25.85 -25.84
C ILE A 349 17.33 -25.34 -26.95
N ARG A 350 17.27 -26.06 -28.07
CA ARG A 350 16.41 -25.63 -29.16
C ARG A 350 14.95 -25.62 -28.74
N GLU A 351 14.53 -26.63 -27.98
CA GLU A 351 13.15 -26.67 -27.51
C GLU A 351 12.83 -25.46 -26.65
N LEU A 352 13.71 -25.12 -25.70
CA LEU A 352 13.40 -24.05 -24.78
C LEU A 352 13.56 -22.67 -25.41
N TYR A 353 14.51 -22.50 -26.31
CA TYR A 353 14.86 -21.19 -26.87
C TYR A 353 14.94 -21.25 -28.39
N ARG A 354 13.90 -21.81 -29.02
CA ARG A 354 13.91 -21.98 -30.47
C ARG A 354 14.03 -20.65 -31.21
N ASN A 355 13.66 -19.54 -30.57
CA ASN A 355 13.65 -18.24 -31.25
C ASN A 355 14.72 -17.28 -30.74
N ASN A 356 15.32 -17.55 -29.58
CA ASN A 356 16.36 -16.68 -29.02
C ASN A 356 17.71 -17.29 -29.37
N GLU A 357 18.23 -16.90 -30.55
CA GLU A 357 19.49 -17.47 -31.01
C GLU A 357 20.65 -17.10 -30.11
N VAL A 358 20.66 -15.87 -29.59
CA VAL A 358 21.75 -15.44 -28.73
C VAL A 358 21.82 -16.30 -27.48
N HIS A 359 20.67 -16.54 -26.84
CA HIS A 359 20.65 -17.38 -25.65
C HIS A 359 21.03 -18.82 -25.99
N GLN A 360 20.61 -19.31 -27.15
CA GLN A 360 21.01 -20.64 -27.57
C GLN A 360 22.52 -20.75 -27.67
N LEU A 361 23.15 -19.77 -28.32
CA LEU A 361 24.60 -19.79 -28.47
C LEU A 361 25.29 -19.69 -27.11
N THR A 362 24.76 -18.86 -26.23
CA THR A 362 25.33 -18.75 -24.89
C THR A 362 25.24 -20.07 -24.14
N LEU A 363 24.09 -20.74 -24.22
CA LEU A 363 23.89 -21.99 -23.50
C LEU A 363 24.67 -23.14 -24.09
N ARG A 364 25.02 -23.07 -25.38
CA ARG A 364 25.73 -24.18 -26.01
C ARG A 364 27.09 -24.44 -25.36
N LYS A 365 27.62 -23.48 -24.61
CA LYS A 365 28.89 -23.65 -23.93
C LYS A 365 28.76 -24.30 -22.55
N LYS A 366 27.54 -24.51 -22.07
CA LYS A 366 27.30 -25.07 -20.75
C LYS A 366 26.91 -26.54 -20.87
N ASP A 367 26.49 -27.13 -19.75
CA ASP A 367 26.08 -28.53 -19.68
C ASP A 367 24.74 -28.63 -18.96
N PHE A 368 24.24 -29.85 -18.80
CA PHE A 368 22.93 -30.05 -18.19
C PHE A 368 22.86 -29.54 -16.77
N VAL A 369 23.97 -29.56 -16.03
CA VAL A 369 23.95 -29.08 -14.66
C VAL A 369 23.56 -27.61 -14.61
N HIS A 370 24.21 -26.79 -15.45
CA HIS A 370 23.86 -25.38 -15.51
C HIS A 370 22.43 -25.18 -16.00
N LEU A 371 22.01 -25.96 -17.00
CA LEU A 371 20.67 -25.81 -17.53
C LEU A 371 19.62 -26.07 -16.46
N PHE A 372 19.80 -27.14 -15.68
CA PHE A 372 18.81 -27.49 -14.67
C PHE A 372 18.85 -26.52 -13.49
N MET A 373 20.05 -26.19 -13.00
CA MET A 373 20.13 -25.33 -11.82
C MET A 373 19.99 -23.86 -12.18
N GLU A 374 20.94 -23.34 -12.97
CA GLU A 374 21.01 -21.90 -13.17
C GLU A 374 19.93 -21.40 -14.11
N ASP A 375 19.53 -22.20 -15.08
CA ASP A 375 18.61 -21.72 -16.12
C ASP A 375 17.15 -21.94 -15.75
N ILE A 376 16.81 -23.13 -15.26
CA ILE A 376 15.40 -23.50 -15.11
C ILE A 376 14.93 -23.33 -13.67
N ILE A 377 15.52 -24.07 -12.75
CA ILE A 377 14.94 -24.21 -11.41
C ILE A 377 15.21 -22.96 -10.57
N PHE A 378 16.47 -22.53 -10.50
CA PHE A 378 16.88 -21.48 -9.57
C PHE A 378 17.07 -20.13 -10.25
N TYR A 379 16.40 -19.91 -11.38
CA TYR A 379 16.48 -18.63 -12.06
C TYR A 379 15.55 -17.63 -11.37
N GLN A 380 16.11 -16.51 -10.93
CA GLN A 380 15.34 -15.44 -10.30
C GLN A 380 15.52 -14.16 -11.11
N ARG A 381 14.40 -13.53 -11.47
CA ARG A 381 14.45 -12.36 -12.30
C ARG A 381 14.96 -11.15 -11.50
N PRO A 382 15.55 -10.17 -12.17
CA PRO A 382 15.96 -8.94 -11.49
C PRO A 382 14.79 -7.98 -11.34
N LEU A 383 14.98 -6.98 -10.49
CA LEU A 383 13.97 -5.97 -10.28
C LEU A 383 13.72 -5.18 -11.56
N ARG A 384 12.46 -4.83 -11.79
CA ARG A 384 12.13 -4.00 -12.95
C ARG A 384 12.76 -2.62 -12.80
N SER A 385 13.06 -2.01 -13.95
CA SER A 385 13.67 -0.69 -13.95
C SER A 385 12.67 0.34 -13.44
N GLN A 386 13.10 1.17 -12.49
CA GLN A 386 12.31 2.27 -11.99
C GLN A 386 12.74 3.62 -12.58
N LYS A 387 13.73 3.63 -13.47
CA LYS A 387 14.25 4.87 -14.00
C LYS A 387 13.21 5.61 -14.84
N SER A 388 12.16 4.93 -15.27
CA SER A 388 11.10 5.61 -16.01
C SER A 388 10.23 6.48 -15.11
N SER A 389 10.23 6.21 -13.81
CA SER A 389 9.43 6.98 -12.86
C SER A 389 10.20 8.14 -12.25
N VAL A 390 11.46 8.34 -12.63
CA VAL A 390 12.24 9.44 -12.08
C VAL A 390 11.61 10.77 -12.51
N SER A 391 11.72 11.76 -11.64
CA SER A 391 11.16 13.07 -11.95
C SER A 391 11.85 13.68 -13.17
N ASN A 392 11.19 14.68 -13.75
CA ASN A 392 11.68 15.36 -14.93
C ASN A 392 12.31 16.69 -14.56
N CYS A 393 13.18 17.16 -15.44
CA CYS A 393 13.74 18.50 -15.29
C CYS A 393 12.65 19.54 -15.44
N THR A 394 12.74 20.60 -14.64
CA THR A 394 11.76 21.68 -14.67
C THR A 394 12.14 22.78 -15.66
N LEU A 395 13.29 22.67 -16.32
CA LEU A 395 13.77 23.71 -17.22
C LEU A 395 13.91 23.23 -18.65
N GLU A 396 14.61 22.13 -18.89
CA GLU A 396 14.97 21.70 -20.23
C GLU A 396 13.94 20.72 -20.76
N PHE A 397 13.40 21.02 -21.95
CA PHE A 397 12.43 20.17 -22.63
C PHE A 397 13.00 19.80 -24.00
N ARG A 398 12.27 18.94 -24.71
CA ARG A 398 12.53 18.71 -26.13
C ARG A 398 11.17 18.58 -26.82
N LYS A 399 11.12 18.97 -28.09
CA LYS A 399 9.88 18.96 -28.85
C LYS A 399 10.05 18.14 -30.11
N TYR A 400 9.08 17.28 -30.40
CA TYR A 400 9.13 16.46 -31.60
C TYR A 400 7.73 16.20 -32.10
N LYS A 401 7.63 15.89 -33.39
CA LYS A 401 6.36 15.67 -34.05
C LYS A 401 6.13 14.18 -34.27
N GLY A 402 4.99 13.68 -33.79
CA GLY A 402 4.65 12.29 -33.95
C GLY A 402 4.04 11.99 -35.29
N GLU A 403 3.66 10.71 -35.48
CA GLU A 403 3.07 10.29 -36.74
C GLU A 403 1.71 10.92 -36.98
N ASN A 404 1.06 11.45 -35.94
CA ASN A 404 -0.25 12.07 -36.07
C ASN A 404 -0.18 13.53 -36.51
N GLY A 405 0.97 13.98 -37.01
CA GLY A 405 1.10 15.36 -37.45
C GLY A 405 0.92 16.36 -36.33
N ALA A 406 1.41 16.03 -35.13
CA ALA A 406 1.34 16.91 -33.98
C ALA A 406 2.76 17.34 -33.60
N GLU A 407 2.88 18.07 -32.49
CA GLU A 407 4.18 18.45 -31.96
C GLU A 407 4.06 18.45 -30.44
N HIS A 408 4.59 17.41 -29.81
CA HIS A 408 4.49 17.25 -28.36
C HIS A 408 5.88 17.14 -27.75
N THR A 409 5.91 17.23 -26.42
CA THR A 409 7.12 17.47 -25.66
C THR A 409 7.59 16.20 -24.96
N GLN A 410 8.88 15.92 -25.08
CA GLN A 410 9.56 14.91 -24.27
C GLN A 410 10.33 15.61 -23.17
N TYR A 411 10.31 15.03 -21.98
CA TYR A 411 10.95 15.61 -20.81
C TYR A 411 12.34 15.03 -20.61
N LEU A 412 13.18 15.77 -19.90
CA LEU A 412 14.52 15.32 -19.53
C LEU A 412 14.53 14.91 -18.07
N LYS A 413 15.00 13.70 -17.80
CA LYS A 413 15.02 13.20 -16.44
C LYS A 413 16.04 13.94 -15.59
N ALA A 414 15.75 14.02 -14.30
CA ALA A 414 16.63 14.74 -13.38
C ALA A 414 17.94 13.98 -13.18
N ILE A 415 18.97 14.73 -12.80
CA ILE A 415 20.32 14.18 -12.63
C ILE A 415 20.40 13.43 -11.32
N PRO A 416 21.07 12.28 -11.26
CA PRO A 416 21.38 11.68 -9.97
C PRO A 416 22.31 12.59 -9.17
N LYS A 417 22.08 12.66 -7.86
CA LYS A 417 22.88 13.54 -7.03
C LYS A 417 24.31 13.04 -6.85
N SER A 418 24.61 11.81 -7.26
CA SER A 418 25.98 11.32 -7.23
C SER A 418 26.77 11.71 -8.47
N ASN A 419 26.13 12.31 -9.47
CA ASN A 419 26.84 12.74 -10.66
C ASN A 419 27.82 13.85 -10.29
N PRO A 420 29.07 13.80 -10.75
CA PRO A 420 30.02 14.87 -10.40
C PRO A 420 29.54 16.26 -10.79
N TYR A 421 28.75 16.38 -11.86
CA TYR A 421 28.21 17.69 -12.22
C TYR A 421 27.36 18.25 -11.10
N TYR A 422 26.48 17.42 -10.52
CA TYR A 422 25.67 17.87 -9.40
C TYR A 422 26.54 18.22 -8.21
N GLN A 423 27.59 17.45 -7.97
CA GLN A 423 28.48 17.73 -6.85
C GLN A 423 29.11 19.11 -6.98
N GLU A 424 29.63 19.41 -8.17
CA GLU A 424 30.24 20.73 -8.39
C GLU A 424 29.20 21.84 -8.31
N PHE A 425 28.01 21.61 -8.86
CA PHE A 425 26.93 22.59 -8.79
C PHE A 425 26.61 22.94 -7.34
N ARG A 426 26.38 21.91 -6.52
CA ARG A 426 26.08 22.12 -5.11
C ARG A 426 27.24 22.80 -4.40
N LEU A 427 28.47 22.41 -4.72
CA LEU A 427 29.63 22.99 -4.05
C LEU A 427 29.75 24.48 -4.37
N TRP A 428 29.54 24.87 -5.62
CA TRP A 428 29.59 26.29 -5.97
C TRP A 428 28.50 27.06 -5.24
N GLN A 429 27.28 26.52 -5.21
CA GLN A 429 26.21 27.19 -4.47
C GLN A 429 26.61 27.40 -3.02
N TRP A 430 27.09 26.33 -2.37
CA TRP A 430 27.45 26.42 -0.96
C TRP A 430 28.57 27.43 -0.73
N ILE A 431 29.57 27.45 -1.61
CA ILE A 431 30.66 28.40 -1.47
C ILE A 431 30.13 29.81 -1.54
N PHE A 432 29.24 30.09 -2.50
CA PHE A 432 28.71 31.45 -2.61
C PHE A 432 27.87 31.83 -1.40
N ASN A 433 27.11 30.88 -0.84
CA ASN A 433 26.27 31.22 0.30
C ASN A 433 27.07 31.47 1.57
N LEU A 434 28.31 31.00 1.65
CA LEU A 434 29.07 31.07 2.90
C LEU A 434 29.44 32.50 3.25
N ASN A 435 29.50 32.77 4.56
CA ASN A 435 30.01 34.02 5.08
C ASN A 435 30.34 33.83 6.55
N LEU A 436 31.40 34.49 7.01
CA LEU A 436 31.92 34.31 8.35
C LEU A 436 31.50 35.46 9.27
N TYR A 437 31.46 35.16 10.57
CA TYR A 437 31.14 36.14 11.59
C TYR A 437 32.11 35.96 12.75
N THR A 438 32.26 37.02 13.55
CA THR A 438 33.13 37.00 14.71
C THR A 438 32.32 36.79 15.98
N LYS A 439 32.86 35.96 16.88
CA LYS A 439 32.11 35.60 18.09
C LYS A 439 31.82 36.83 18.95
N ASP A 440 32.82 37.69 19.15
CA ASP A 440 32.70 38.79 20.10
C ASP A 440 31.57 39.74 19.72
N ASN A 441 31.68 40.41 18.58
CA ASN A 441 30.76 41.47 18.19
C ASN A 441 29.76 41.05 17.11
N ASP A 442 29.92 39.86 16.54
CA ASP A 442 28.98 39.36 15.52
C ASP A 442 28.90 40.33 14.35
N GLU A 443 30.03 40.49 13.66
CA GLU A 443 30.15 41.36 12.51
C GLU A 443 30.50 40.53 11.28
N ASN A 444 30.10 41.02 10.10
CA ASN A 444 30.32 40.31 8.85
C ASN A 444 31.80 40.43 8.49
N VAL A 445 32.61 39.62 9.18
CA VAL A 445 34.03 39.59 8.93
C VAL A 445 34.37 39.11 7.53
N THR A 446 33.39 38.56 6.80
CA THR A 446 33.61 38.18 5.41
C THR A 446 33.92 39.42 4.60
N LYS A 447 34.22 39.23 3.31
CA LYS A 447 34.64 40.31 2.41
C LYS A 447 36.07 40.74 2.74
N VAL A 448 36.65 40.17 3.80
CA VAL A 448 38.04 40.41 4.14
C VAL A 448 38.89 39.16 3.92
N PHE A 449 38.30 37.98 3.94
CA PHE A 449 39.01 36.73 3.69
C PHE A 449 38.57 36.05 2.39
N LEU A 450 37.41 36.39 1.86
CA LEU A 450 36.94 35.90 0.56
C LEU A 450 36.53 37.12 -0.24
N ASN A 451 37.49 37.81 -0.83
CA ASN A 451 37.17 39.00 -1.61
C ASN A 451 37.59 38.84 -3.07
N THR A 452 38.80 38.34 -3.29
CA THR A 452 39.29 38.20 -4.66
C THR A 452 39.09 36.78 -5.17
N THR A 453 39.11 36.65 -6.50
CA THR A 453 38.91 35.35 -7.11
C THR A 453 39.93 34.33 -6.62
N GLN A 454 41.12 34.79 -6.22
CA GLN A 454 42.12 33.85 -5.71
C GLN A 454 41.63 33.17 -4.44
N ASP A 455 41.01 33.92 -3.53
CA ASP A 455 40.51 33.33 -2.29
C ASP A 455 39.41 32.31 -2.58
N PHE A 456 38.49 32.64 -3.48
CA PHE A 456 37.43 31.71 -3.84
C PHE A 456 38.01 30.45 -4.47
N GLU A 457 39.01 30.60 -5.33
CA GLU A 457 39.65 29.43 -5.94
C GLU A 457 40.33 28.57 -4.89
N ASN A 458 41.01 29.21 -3.93
CA ASN A 458 41.63 28.44 -2.85
C ASN A 458 40.59 27.66 -2.06
N LEU A 459 39.47 28.31 -1.72
CA LEU A 459 38.42 27.61 -0.99
C LEU A 459 37.86 26.45 -1.79
N PHE A 460 37.63 26.68 -3.09
CA PHE A 460 37.08 25.62 -3.94
C PHE A 460 38.02 24.44 -4.03
N GLU A 461 39.33 24.70 -4.18
CA GLU A 461 40.31 23.62 -4.20
C GLU A 461 40.33 22.88 -2.87
N PHE A 462 40.29 23.62 -1.76
CA PHE A 462 40.28 22.98 -0.45
C PHE A 462 39.08 22.07 -0.29
N LEU A 463 37.92 22.53 -0.75
CA LEU A 463 36.70 21.72 -0.59
C LEU A 463 36.72 20.50 -1.49
N ASN A 464 37.15 20.64 -2.74
CA ASN A 464 37.11 19.50 -3.66
C ASN A 464 37.84 18.28 -3.13
N THR A 465 38.93 18.46 -2.41
CA THR A 465 39.74 17.35 -1.93
C THR A 465 39.11 16.64 -0.74
N ARG A 466 37.93 17.06 -0.29
CA ARG A 466 37.26 16.50 0.86
C ARG A 466 35.95 15.84 0.43
N LYS A 467 35.30 15.18 1.39
CA LYS A 467 33.95 14.69 1.21
C LYS A 467 32.96 15.27 2.22
N GLU A 468 33.43 16.08 3.16
CA GLU A 468 32.59 16.64 4.21
C GLU A 468 33.40 17.71 4.93
N VAL A 469 32.75 18.83 5.22
CA VAL A 469 33.37 19.95 5.90
C VAL A 469 32.58 20.29 7.14
N ASP A 470 33.25 20.81 8.16
CA ASP A 470 32.63 21.16 9.43
C ASP A 470 33.13 22.52 9.90
N GLN A 471 32.61 22.93 11.05
CA GLN A 471 33.07 24.15 11.70
C GLN A 471 34.59 24.24 11.73
N LYS A 472 35.24 23.28 12.40
CA LYS A 472 36.66 23.40 12.69
C LYS A 472 37.49 23.41 11.41
N ALA A 473 37.19 22.53 10.46
CA ALA A 473 37.98 22.47 9.24
C ALA A 473 37.90 23.77 8.47
N LEU A 474 36.70 24.30 8.27
CA LEU A 474 36.55 25.53 7.53
C LEU A 474 37.25 26.70 8.22
N LEU A 475 37.11 26.80 9.54
CA LEU A 475 37.80 27.87 10.25
C LEU A 475 39.31 27.72 10.15
N LYS A 476 39.81 26.48 10.23
CA LYS A 476 41.24 26.25 10.17
C LYS A 476 41.81 26.62 8.80
N HIS A 477 41.07 26.31 7.73
CA HIS A 477 41.58 26.61 6.39
C HIS A 477 41.99 28.07 6.27
N PHE A 478 41.23 28.96 6.89
CA PHE A 478 41.59 30.39 6.93
C PHE A 478 42.55 30.71 8.06
N LYS A 479 42.98 29.71 8.83
CA LYS A 479 43.83 29.80 10.02
C LYS A 479 43.04 30.30 11.23
N LEU A 480 41.75 30.64 11.02
CA LEU A 480 40.91 31.09 12.11
C LEU A 480 40.69 29.99 13.13
N ASN A 481 40.04 30.31 14.24
CA ASN A 481 39.79 29.33 15.28
C ASN A 481 38.37 29.46 15.79
N GLU A 482 37.88 28.38 16.40
CA GLU A 482 36.54 28.38 16.98
C GLU A 482 36.38 29.41 18.10
N LYS A 483 37.46 29.77 18.77
CA LYS A 483 37.35 30.64 19.93
C LYS A 483 37.04 32.08 19.56
N THR A 484 37.03 32.39 18.27
CA THR A 484 36.84 33.76 17.82
C THR A 484 35.89 34.00 16.66
N HIS A 485 35.48 32.95 15.95
CA HIS A 485 34.64 33.13 14.78
C HIS A 485 33.63 31.98 14.67
N ARG A 486 32.73 32.14 13.70
CA ARG A 486 31.71 31.15 13.37
C ARG A 486 31.33 31.31 11.90
N TRP A 487 30.65 30.31 11.34
CA TRP A 487 30.40 30.30 9.90
C TRP A 487 28.94 30.42 9.50
N ASN A 488 28.15 31.12 10.32
CA ASN A 488 26.72 31.34 10.02
C ASN A 488 25.89 30.05 10.03
N PHE A 489 26.24 29.10 9.16
CA PHE A 489 25.55 27.82 9.12
C PHE A 489 25.59 27.15 10.49
N VAL A 490 24.76 26.13 10.71
CA VAL A 490 24.69 25.53 12.03
C VAL A 490 26.09 25.22 12.52
N GLU A 491 26.35 25.53 13.79
CA GLU A 491 27.69 25.46 14.34
C GLU A 491 28.16 24.04 14.64
N ASP A 492 27.27 23.05 14.55
CA ASP A 492 27.64 21.66 14.81
C ASP A 492 27.16 20.73 13.71
N LYS A 493 26.89 21.26 12.52
CA LYS A 493 26.41 20.47 11.40
C LYS A 493 27.50 20.35 10.33
N LYS A 494 27.43 19.25 9.57
CA LYS A 494 28.37 18.99 8.49
C LYS A 494 27.63 19.00 7.17
N TYR A 495 28.36 19.34 6.09
CA TYR A 495 27.75 19.52 4.79
C TYR A 495 28.49 18.69 3.75
N PRO A 496 27.78 18.12 2.78
CA PRO A 496 28.47 17.35 1.72
C PRO A 496 29.44 18.23 0.95
N CYS A 497 30.58 17.66 0.61
CA CYS A 497 31.70 18.42 0.05
C CYS A 497 32.32 17.69 -1.13
N ASN A 498 31.50 17.29 -2.10
CA ASN A 498 31.98 16.55 -3.27
C ASN A 498 32.54 15.18 -2.87
N GLU A 499 31.65 14.35 -2.31
CA GLU A 499 32.08 13.05 -1.79
C GLU A 499 32.42 12.06 -2.90
N THR A 500 31.73 12.11 -4.03
CA THR A 500 31.95 11.11 -5.07
C THR A 500 33.41 11.08 -5.50
N LYS A 501 33.96 12.23 -5.85
CA LYS A 501 35.35 12.29 -6.27
C LYS A 501 36.28 11.88 -5.14
N THR A 502 35.94 12.18 -3.91
CA THR A 502 36.75 11.79 -2.79
C THR A 502 36.85 10.32 -2.75
N MET A 503 35.71 9.65 -2.68
CA MET A 503 35.72 8.19 -2.58
C MET A 503 36.48 7.56 -3.73
N ILE A 504 36.26 8.06 -4.95
CA ILE A 504 36.97 7.50 -6.09
C ILE A 504 38.48 7.71 -5.92
N SER A 505 38.87 8.91 -5.48
CA SER A 505 40.29 9.20 -5.30
C SER A 505 40.91 8.33 -4.22
N SER A 506 40.20 8.11 -3.12
CA SER A 506 40.73 7.26 -2.06
C SER A 506 40.92 5.83 -2.55
N ARG A 507 39.92 5.28 -3.24
CA ARG A 507 40.03 3.90 -3.69
C ARG A 507 40.96 3.76 -4.89
N LEU A 508 41.30 4.86 -5.57
CA LEU A 508 42.31 4.83 -6.60
C LEU A 508 43.71 5.08 -6.06
N ASP A 509 43.83 5.72 -4.89
CA ASP A 509 45.12 5.83 -4.22
C ASP A 509 45.48 4.52 -3.53
N LYS A 510 44.48 3.79 -3.03
CA LYS A 510 44.76 2.51 -2.40
C LYS A 510 45.36 1.50 -3.39
N VAL A 511 45.16 1.70 -4.69
CA VAL A 511 45.67 0.77 -5.69
C VAL A 511 47.17 0.89 -5.87
N GLU A 512 47.72 2.07 -5.61
CA GLU A 512 49.15 2.29 -5.76
C GLU A 512 49.61 1.92 -7.17
N ASN A 513 50.92 1.83 -7.39
CA ASN A 513 51.51 1.42 -8.66
C ASN A 513 50.92 2.21 -9.84
N ILE A 514 50.51 3.45 -9.60
CA ILE A 514 50.03 4.34 -10.65
C ILE A 514 50.47 5.76 -10.31
N SER A 515 50.83 6.52 -11.35
CA SER A 515 51.22 7.90 -11.15
C SER A 515 50.04 8.71 -10.63
N ASP A 516 50.34 9.72 -9.81
CA ASP A 516 49.30 10.52 -9.19
C ASP A 516 48.77 11.58 -10.13
N ASP A 517 48.40 11.15 -11.35
CA ASP A 517 47.69 12.02 -12.28
C ASP A 517 46.66 11.26 -13.09
N PHE A 518 46.44 9.97 -12.80
CA PHE A 518 45.52 9.17 -13.61
C PHE A 518 44.10 9.71 -13.54
N LEU A 519 43.65 10.10 -12.35
CA LEU A 519 42.26 10.51 -12.15
C LEU A 519 42.09 11.92 -12.70
N THR A 520 41.48 12.03 -13.87
CA THR A 520 41.06 13.29 -14.45
C THR A 520 39.54 13.35 -14.50
N ARG A 521 39.01 14.48 -14.97
CA ARG A 521 37.56 14.68 -14.96
C ARG A 521 36.85 13.60 -15.79
N ASP A 522 37.36 13.34 -16.98
CA ASP A 522 36.74 12.33 -17.84
C ASP A 522 36.80 10.95 -17.19
N ILE A 523 37.95 10.59 -16.61
CA ILE A 523 38.08 9.31 -15.95
C ILE A 523 37.13 9.23 -14.75
N GLU A 524 37.00 10.35 -14.03
CA GLU A 524 36.08 10.38 -12.90
C GLU A 524 34.65 10.11 -13.36
N GLN A 525 34.23 10.76 -14.43
CA GLN A 525 32.88 10.56 -14.94
C GLN A 525 32.69 9.12 -15.40
N LYS A 526 33.69 8.55 -16.09
CA LYS A 526 33.57 7.18 -16.56
C LYS A 526 33.45 6.21 -15.38
N ILE A 527 34.27 6.38 -14.35
CA ILE A 527 34.21 5.49 -13.20
C ILE A 527 32.87 5.64 -12.49
N TRP A 528 32.39 6.87 -12.34
CA TRP A 528 31.10 7.07 -11.70
C TRP A 528 30.00 6.37 -12.47
N HIS A 529 30.01 6.48 -13.80
CA HIS A 529 28.98 5.82 -14.60
C HIS A 529 29.08 4.30 -14.46
N ILE A 530 30.30 3.77 -14.46
CA ILE A 530 30.48 2.34 -14.25
C ILE A 530 29.84 1.90 -12.94
N ILE A 531 30.13 2.63 -11.87
CA ILE A 531 29.61 2.26 -10.56
C ILE A 531 28.09 2.40 -10.52
N TYR A 532 27.56 3.47 -11.10
CA TYR A 532 26.14 3.81 -10.95
C TYR A 532 25.25 2.94 -11.83
N SER A 533 25.69 2.59 -13.03
CA SER A 533 24.82 1.91 -13.98
C SER A 533 24.85 0.39 -13.85
N VAL A 534 25.98 -0.20 -13.51
CA VAL A 534 26.12 -1.65 -13.43
C VAL A 534 25.87 -2.03 -11.98
N ASN A 535 24.60 -2.32 -11.66
CA ASN A 535 24.21 -2.72 -10.31
C ASN A 535 23.97 -4.22 -10.26
N ASP A 536 25.04 -4.97 -10.47
CA ASP A 536 24.96 -6.43 -10.41
C ASP A 536 26.36 -6.97 -10.14
N LYS A 537 26.45 -7.98 -9.27
CA LYS A 537 27.73 -8.44 -8.78
C LYS A 537 28.64 -8.90 -9.91
N VAL A 538 28.21 -9.94 -10.64
CA VAL A 538 29.05 -10.48 -11.70
C VAL A 538 29.29 -9.43 -12.79
N GLU A 539 28.24 -8.71 -13.15
CA GLU A 539 28.38 -7.67 -14.17
C GLU A 539 29.34 -6.62 -13.70
N TYR A 540 29.20 -6.21 -12.45
CA TYR A 540 30.06 -5.17 -11.89
C TYR A 540 31.52 -5.60 -11.91
N GLU A 541 31.79 -6.84 -11.51
CA GLU A 541 33.17 -7.32 -11.49
C GLU A 541 33.75 -7.40 -12.89
N LYS A 542 32.97 -7.91 -13.85
CA LYS A 542 33.45 -7.97 -15.23
C LYS A 542 33.73 -6.57 -15.77
N ALA A 543 32.85 -5.61 -15.46
CA ALA A 543 33.07 -4.24 -15.91
C ALA A 543 34.31 -3.64 -15.28
N LEU A 544 34.53 -3.91 -13.99
CA LEU A 544 35.73 -3.41 -13.34
C LEU A 544 36.98 -3.97 -13.99
N LYS A 545 36.99 -5.28 -14.27
CA LYS A 545 38.16 -5.89 -14.90
C LYS A 545 38.38 -5.31 -16.30
N SER A 546 37.30 -5.14 -17.07
CA SER A 546 37.43 -4.58 -18.40
C SER A 546 37.96 -3.15 -18.36
N PHE A 547 37.47 -2.35 -17.42
CA PHE A 547 37.97 -0.98 -17.29
C PHE A 547 39.46 -0.98 -16.92
N ALA A 548 39.84 -1.85 -15.99
CA ALA A 548 41.24 -1.92 -15.58
C ALA A 548 42.13 -2.50 -16.68
N ARG A 549 41.55 -3.19 -17.66
CA ARG A 549 42.32 -3.69 -18.79
C ARG A 549 42.46 -2.64 -19.90
N LYS A 550 41.38 -1.93 -20.21
CA LYS A 550 41.45 -0.90 -21.24
C LYS A 550 42.42 0.20 -20.84
N HIS A 551 42.40 0.61 -19.57
CA HIS A 551 43.41 1.50 -19.02
C HIS A 551 44.49 0.67 -18.35
N HIS A 552 45.75 0.96 -18.67
CA HIS A 552 46.86 0.09 -18.28
C HIS A 552 47.08 0.24 -16.78
N LEU A 553 46.20 -0.41 -16.02
CA LEU A 553 46.27 -0.43 -14.56
C LEU A 553 46.28 -1.88 -14.09
N ASP A 554 47.01 -2.12 -13.00
CA ASP A 554 47.08 -3.46 -12.44
C ASP A 554 45.75 -3.84 -11.85
N GLU A 555 45.07 -4.81 -12.47
CA GLU A 555 43.75 -5.21 -12.00
C GLU A 555 43.84 -6.27 -10.91
N SER A 556 44.66 -6.03 -9.89
CA SER A 556 44.68 -6.85 -8.70
C SER A 556 44.32 -6.05 -7.45
N SER A 557 45.02 -4.94 -7.20
CA SER A 557 44.65 -4.04 -6.13
C SER A 557 43.46 -3.17 -6.51
N PHE A 558 43.33 -2.83 -7.80
CA PHE A 558 42.22 -1.99 -8.24
C PHE A 558 40.89 -2.70 -8.01
N PHE A 559 40.79 -3.95 -8.48
CA PHE A 559 39.55 -4.70 -8.29
C PHE A 559 39.23 -4.89 -6.82
N GLU A 560 40.26 -5.18 -6.01
CA GLU A 560 40.05 -5.35 -4.58
C GLU A 560 39.54 -4.07 -3.95
N ALA A 561 40.09 -2.92 -4.35
CA ALA A 561 39.65 -1.65 -3.80
C ALA A 561 38.22 -1.33 -4.20
N PHE A 562 37.85 -1.59 -5.46
CA PHE A 562 36.57 -1.17 -5.99
C PHE A 562 35.52 -2.28 -6.00
N ARG A 563 35.82 -3.46 -5.48
CA ARG A 563 34.84 -4.53 -5.46
C ARG A 563 33.83 -4.40 -4.32
N LYS A 564 34.12 -3.57 -3.32
CA LYS A 564 33.22 -3.36 -2.19
C LYS A 564 32.82 -1.89 -2.09
N PHE A 565 32.63 -1.25 -3.24
CA PHE A 565 32.19 0.14 -3.26
C PHE A 565 30.73 0.22 -2.82
N PRO A 566 30.40 1.04 -1.83
CA PRO A 566 29.00 1.15 -1.41
C PRO A 566 28.14 1.76 -2.50
N PRO A 567 27.01 1.15 -2.84
CA PRO A 567 26.16 1.72 -3.89
C PRO A 567 25.68 3.13 -3.52
N PHE A 568 25.57 3.97 -4.55
CA PHE A 568 25.11 5.34 -4.34
C PHE A 568 23.65 5.36 -3.88
N LYS A 569 23.36 6.21 -2.90
CA LYS A 569 21.99 6.36 -2.45
C LYS A 569 21.11 6.91 -3.56
N SER A 570 19.88 6.42 -3.62
CA SER A 570 18.95 6.80 -4.68
C SER A 570 18.37 8.18 -4.37
N GLU A 571 18.72 9.17 -5.19
CA GLU A 571 18.25 10.53 -5.01
C GLU A 571 18.63 11.33 -6.25
N TYR A 572 17.72 12.22 -6.66
CA TYR A 572 17.89 13.00 -7.88
C TYR A 572 17.59 14.46 -7.61
N GLY A 573 18.31 15.34 -8.30
CA GLY A 573 18.12 16.77 -8.15
C GLY A 573 16.90 17.27 -8.89
N SER A 574 16.71 18.58 -8.85
CA SER A 574 15.60 19.19 -9.56
C SER A 574 15.88 19.30 -11.05
N PHE A 575 17.13 19.58 -11.42
CA PHE A 575 17.51 19.82 -12.80
C PHE A 575 18.13 18.56 -13.41
N SER A 576 18.30 18.60 -14.72
CA SER A 576 18.95 17.52 -15.46
C SER A 576 20.40 17.89 -15.73
N GLU A 577 21.14 16.94 -16.32
CA GLU A 577 22.54 17.18 -16.60
C GLU A 577 22.74 18.30 -17.62
N LYS A 578 21.83 18.41 -18.59
CA LYS A 578 21.94 19.47 -19.59
C LYS A 578 21.82 20.85 -18.95
N ALA A 579 20.82 21.03 -18.09
CA ALA A 579 20.63 22.31 -17.44
C ALA A 579 21.82 22.66 -16.55
N ILE A 580 22.33 21.68 -15.80
CA ILE A 580 23.47 21.94 -14.93
C ILE A 580 24.71 22.26 -15.76
N LYS A 581 24.89 21.58 -16.89
CA LYS A 581 26.02 21.88 -17.75
C LYS A 581 25.91 23.31 -18.29
N LYS A 582 24.70 23.74 -18.64
CA LYS A 582 24.53 25.12 -19.08
C LYS A 582 24.82 26.10 -17.96
N LEU A 583 24.36 25.81 -16.75
CA LEU A 583 24.45 26.77 -15.65
C LEU A 583 25.85 26.87 -15.06
N LEU A 584 26.61 25.77 -15.04
CA LEU A 584 27.91 25.77 -14.38
C LEU A 584 28.86 26.82 -14.93
N PRO A 585 29.00 27.00 -16.25
CA PRO A 585 29.95 28.02 -16.74
C PRO A 585 29.71 29.39 -16.13
N LEU A 586 28.45 29.77 -15.92
CA LEU A 586 28.17 31.04 -15.25
C LEU A 586 28.67 31.04 -13.81
N MET A 587 28.46 29.93 -13.10
CA MET A 587 28.74 29.89 -11.67
C MET A 587 30.23 29.79 -11.38
N ARG A 588 31.02 29.22 -12.29
CA ARG A 588 32.45 29.10 -12.05
C ARG A 588 33.10 30.49 -12.08
N LEU A 589 34.31 30.57 -11.53
CA LEU A 589 35.06 31.81 -11.51
C LEU A 589 36.54 31.49 -11.46
N GLY A 590 37.36 32.50 -11.76
CA GLY A 590 38.80 32.31 -11.72
C GLY A 590 39.28 31.45 -12.87
N LYS A 591 40.31 30.64 -12.60
CA LYS A 591 40.86 29.78 -13.64
C LYS A 591 39.87 28.72 -14.10
N TYR A 592 38.83 28.45 -13.32
CA TYR A 592 37.80 27.51 -13.75
C TYR A 592 36.78 28.14 -14.69
N TRP A 593 36.83 29.45 -14.91
CA TRP A 593 35.85 30.16 -15.71
C TRP A 593 36.50 30.60 -17.02
N ASN A 594 35.82 30.34 -18.13
CA ASN A 594 36.27 30.79 -19.44
C ASN A 594 35.04 31.11 -20.28
N TYR A 595 35.14 32.18 -21.07
CA TYR A 595 33.96 32.70 -21.77
C TYR A 595 33.49 31.78 -22.88
N ALA A 596 34.40 31.06 -23.53
CA ALA A 596 34.04 30.23 -24.67
C ALA A 596 33.16 29.05 -24.31
N GLU A 597 32.99 28.75 -23.03
CA GLU A 597 32.21 27.61 -22.58
C GLU A 597 30.78 27.97 -22.22
N ILE A 598 30.34 29.17 -22.57
CA ILE A 598 28.96 29.58 -22.39
C ILE A 598 28.22 29.37 -23.70
N ASP A 599 27.08 28.69 -23.65
CA ASP A 599 26.35 28.35 -24.87
C ASP A 599 26.05 29.61 -25.68
N LYS A 600 25.73 29.39 -26.96
CA LYS A 600 25.56 30.50 -27.89
C LYS A 600 24.47 31.45 -27.42
N TYR A 601 23.31 30.92 -27.04
CA TYR A 601 22.20 31.78 -26.65
C TYR A 601 22.54 32.58 -25.39
N SER A 602 23.16 31.95 -24.41
CA SER A 602 23.54 32.65 -23.19
C SER A 602 24.57 33.74 -23.49
N ARG A 603 25.54 33.46 -24.37
CA ARG A 603 26.49 34.49 -24.74
C ARG A 603 25.81 35.64 -25.45
N GLU A 604 24.82 35.34 -26.31
CA GLU A 604 24.07 36.40 -26.97
C GLU A 604 23.34 37.27 -25.95
N ARG A 605 22.71 36.64 -24.96
CA ARG A 605 22.01 37.41 -23.93
C ARG A 605 22.99 38.23 -23.10
N ILE A 606 24.17 37.69 -22.82
CA ILE A 606 25.19 38.46 -22.11
C ILE A 606 25.60 39.67 -22.91
N GLN A 607 25.82 39.49 -24.22
CA GLN A 607 26.17 40.61 -25.09
C GLN A 607 25.07 41.67 -25.08
N LYS A 608 23.81 41.24 -25.18
CA LYS A 608 22.70 42.18 -25.17
C LYS A 608 22.65 42.96 -23.86
N ILE A 609 22.80 42.27 -22.73
CA ILE A 609 22.66 42.94 -21.44
C ILE A 609 23.82 43.90 -21.20
N ILE A 610 25.03 43.54 -21.61
CA ILE A 610 26.14 44.47 -21.45
C ILE A 610 25.96 45.66 -22.38
N THR A 611 25.45 45.42 -23.59
CA THR A 611 25.20 46.51 -24.53
C THR A 611 24.10 47.45 -24.05
N GLY A 612 23.23 46.99 -23.16
CA GLY A 612 22.10 47.79 -22.74
C GLY A 612 21.00 47.92 -23.77
N GLU A 613 21.00 47.07 -24.80
CA GLU A 613 20.03 47.17 -25.88
C GLU A 613 18.68 46.62 -25.45
N TYR A 614 17.74 46.51 -26.38
CA TYR A 614 16.37 46.10 -26.08
C TYR A 614 16.11 44.70 -26.61
N ASP A 615 15.62 43.82 -25.74
CA ASP A 615 15.26 42.46 -26.12
C ASP A 615 13.96 42.10 -25.42
N GLU A 616 12.98 41.61 -26.19
CA GLU A 616 11.70 41.24 -25.59
C GLU A 616 11.85 40.05 -24.65
N ASN A 617 12.92 39.27 -24.78
CA ASN A 617 13.16 38.13 -23.92
C ASN A 617 13.88 38.52 -22.63
N ILE A 618 14.22 39.79 -22.46
CA ILE A 618 14.91 40.28 -21.27
C ILE A 618 13.97 41.24 -20.55
N LYS A 619 13.69 40.96 -19.28
CA LYS A 619 12.76 41.77 -18.51
C LYS A 619 13.48 42.94 -17.86
N ASP A 620 12.69 43.95 -17.45
CA ASP A 620 13.26 45.14 -16.84
C ASP A 620 13.87 44.84 -15.47
N LYS A 621 13.20 43.98 -14.70
CA LYS A 621 13.79 43.49 -13.45
C LYS A 621 15.23 43.04 -13.67
N VAL A 622 15.50 42.51 -14.87
CA VAL A 622 16.84 42.05 -15.17
C VAL A 622 17.78 43.20 -15.13
N ARG A 623 17.56 44.21 -15.96
CA ARG A 623 18.47 45.34 -16.06
C ARG A 623 18.57 46.08 -14.73
N GLU A 624 17.55 45.91 -13.87
CA GLU A 624 17.70 46.35 -12.49
C GLU A 624 18.72 45.50 -11.75
N LYS A 625 18.62 44.17 -11.86
CA LYS A 625 19.52 43.27 -11.15
C LYS A 625 20.92 43.22 -11.77
N SER A 626 21.03 43.19 -13.09
CA SER A 626 22.31 43.05 -13.78
C SER A 626 22.92 44.40 -14.15
N VAL A 627 22.64 45.44 -13.37
CA VAL A 627 23.20 46.76 -13.62
C VAL A 627 24.72 46.71 -13.51
N HIS A 628 25.21 45.99 -12.49
CA HIS A 628 26.65 45.92 -12.25
C HIS A 628 27.38 45.03 -13.25
N LEU A 629 26.65 44.25 -14.06
CA LEU A 629 27.28 43.38 -15.05
C LEU A 629 27.54 44.15 -16.34
N THR A 630 28.33 45.23 -16.22
CA THR A 630 28.59 46.09 -17.36
C THR A 630 29.41 45.37 -18.42
N ILE A 631 30.52 44.75 -18.02
CA ILE A 631 31.44 44.15 -18.96
C ILE A 631 31.23 42.64 -18.98
N GLU A 632 31.77 41.99 -20.01
CA GLU A 632 31.62 40.54 -20.15
C GLU A 632 32.25 39.81 -18.97
N ASN A 633 33.41 40.28 -18.51
CA ASN A 633 34.11 39.59 -17.42
C ASN A 633 33.34 39.63 -16.11
N ASP A 634 32.31 40.49 -16.00
CA ASP A 634 31.50 40.53 -14.78
C ASP A 634 30.65 39.28 -14.60
N PHE A 635 30.52 38.44 -15.64
CA PHE A 635 29.68 37.25 -15.57
C PHE A 635 30.49 36.07 -15.04
N GLN A 636 30.95 36.23 -13.80
CA GLN A 636 31.69 35.21 -13.07
C GLN A 636 31.04 35.00 -11.72
N GLY A 637 31.01 33.75 -11.28
CA GLY A 637 30.55 33.45 -9.93
C GLY A 637 29.16 33.97 -9.63
N LEU A 638 28.23 33.81 -10.56
CA LEU A 638 26.85 34.25 -10.34
C LEU A 638 26.09 33.18 -9.57
N GLN A 639 25.34 33.61 -8.55
CA GLN A 639 24.57 32.66 -7.75
C GLN A 639 23.51 31.99 -8.62
N LEU A 640 22.78 31.02 -8.04
CA LEU A 640 21.92 30.18 -8.86
C LEU A 640 20.84 31.00 -9.55
N TRP A 641 20.23 31.95 -8.85
CA TRP A 641 19.10 32.69 -9.43
C TRP A 641 19.54 33.46 -10.67
N LEU A 642 20.66 34.17 -10.58
CA LEU A 642 21.09 35.02 -11.68
C LEU A 642 21.49 34.18 -12.89
N ALA A 643 22.28 33.13 -12.68
CA ALA A 643 22.67 32.27 -13.80
C ALA A 643 21.46 31.58 -14.40
N GLN A 644 20.53 31.13 -13.56
CA GLN A 644 19.32 30.49 -14.06
C GLN A 644 18.55 31.44 -14.96
N TYR A 645 18.36 32.69 -14.51
CA TYR A 645 17.68 33.64 -15.37
C TYR A 645 18.44 33.83 -16.68
N ILE A 646 19.74 34.09 -16.59
CA ILE A 646 20.51 34.43 -17.78
C ILE A 646 20.41 33.32 -18.80
N VAL A 647 20.47 32.07 -18.34
CA VAL A 647 20.39 30.94 -19.27
C VAL A 647 18.98 30.80 -19.83
N TYR A 648 17.96 30.94 -18.98
CA TYR A 648 16.60 30.54 -19.36
C TYR A 648 15.63 31.71 -19.53
N GLY A 649 15.93 32.88 -18.97
CA GLY A 649 15.08 34.03 -19.18
C GLY A 649 13.86 34.13 -18.29
N ARG A 650 13.75 33.30 -17.26
CA ARG A 650 12.68 33.41 -16.27
C ARG A 650 13.28 33.48 -14.87
N HIS A 651 12.84 34.45 -14.09
CA HIS A 651 13.31 34.63 -12.71
C HIS A 651 12.64 33.58 -11.84
N SER A 652 13.20 32.37 -11.87
CA SER A 652 12.63 31.30 -11.09
C SER A 652 11.20 31.03 -11.52
N GLU A 653 10.41 30.44 -10.64
CA GLU A 653 9.04 30.06 -10.97
C GLU A 653 8.11 31.23 -10.68
N ALA A 654 7.38 31.68 -11.69
CA ALA A 654 6.47 32.83 -11.53
C ALA A 654 5.02 32.41 -11.47
N SER A 655 4.74 31.14 -11.74
CA SER A 655 3.36 30.64 -11.72
C SER A 655 2.51 31.27 -12.81
N MET A 656 1.23 30.89 -12.86
CA MET A 656 0.35 31.41 -13.90
C MET A 656 -0.99 31.91 -13.37
N ILE A 657 -1.34 31.56 -12.14
CA ILE A 657 -2.58 32.00 -11.50
C ILE A 657 -3.80 31.39 -12.19
N GLY A 658 -3.93 31.50 -13.51
CA GLY A 658 -5.00 30.84 -14.23
C GLY A 658 -6.38 31.35 -13.97
N LYS A 659 -7.29 31.11 -14.89
CA LYS A 659 -8.68 31.51 -14.68
C LYS A 659 -9.57 30.62 -15.54
N TRP A 660 -10.52 29.94 -14.89
CA TRP A 660 -11.47 29.09 -15.60
C TRP A 660 -12.69 29.92 -15.98
N ASN A 661 -12.98 29.98 -17.28
CA ASN A 661 -14.04 30.84 -17.80
C ASN A 661 -15.37 30.12 -17.92
N SER A 662 -15.43 28.82 -17.64
CA SER A 662 -16.68 28.08 -17.70
C SER A 662 -16.46 26.72 -17.06
N ALA A 663 -17.55 25.97 -16.92
CA ALA A 663 -17.47 24.64 -16.31
C ALA A 663 -16.64 23.69 -17.15
N ASN A 664 -16.44 23.98 -18.43
CA ASN A 664 -15.67 23.09 -19.29
C ASN A 664 -14.23 22.98 -18.82
N ASP A 665 -13.67 24.07 -18.31
CA ASP A 665 -12.30 24.02 -17.79
C ASP A 665 -12.21 23.07 -16.60
N LEU A 666 -13.18 23.15 -15.69
CA LEU A 666 -13.21 22.24 -14.55
C LEU A 666 -13.39 20.80 -15.00
N GLU A 667 -14.24 20.59 -16.02
CA GLU A 667 -14.43 19.24 -16.54
C GLU A 667 -13.14 18.70 -17.13
N VAL A 668 -12.40 19.52 -17.86
CA VAL A 668 -11.12 19.09 -18.43
C VAL A 668 -10.13 18.77 -17.33
N PHE A 669 -10.07 19.61 -16.30
CA PHE A 669 -9.18 19.36 -15.18
C PHE A 669 -9.50 18.02 -14.52
N LEU A 670 -10.79 17.75 -14.30
CA LEU A 670 -11.18 16.46 -13.74
C LEU A 670 -10.79 15.32 -14.67
N LYS A 671 -11.00 15.50 -15.97
CA LYS A 671 -10.70 14.44 -16.93
C LYS A 671 -9.22 14.10 -16.92
N ASP A 672 -8.35 15.11 -16.81
N ASP A 672 -8.35 15.11 -16.81
CA ASP A 672 -6.91 14.90 -16.88
CA ASP A 672 -6.91 14.90 -16.88
C ASP A 672 -6.28 14.62 -15.52
C ASP A 672 -6.28 14.62 -15.52
N PHE A 673 -7.07 14.52 -14.46
CA PHE A 673 -6.51 14.21 -13.15
C PHE A 673 -5.87 12.83 -13.16
N LYS A 674 -4.70 12.73 -12.53
CA LYS A 674 -3.94 11.49 -12.49
C LYS A 674 -4.08 10.85 -11.11
N GLN A 675 -4.38 9.55 -11.10
CA GLN A 675 -4.57 8.84 -9.85
C GLN A 675 -3.27 8.72 -9.07
N HIS A 676 -3.39 8.59 -7.75
CA HIS A 676 -2.23 8.46 -6.87
C HIS A 676 -1.36 9.71 -6.90
N SER A 677 -1.96 10.87 -7.17
CA SER A 677 -1.23 12.12 -7.22
C SER A 677 -1.14 12.81 -5.87
N LEU A 678 -1.86 12.33 -4.86
CA LEU A 678 -1.95 12.99 -3.57
C LEU A 678 -1.48 12.05 -2.46
N ARG A 679 -1.63 12.50 -1.21
CA ARG A 679 -1.04 11.79 -0.08
C ARG A 679 -1.57 10.38 0.05
N ASN A 680 -2.89 10.22 0.04
CA ASN A 680 -3.51 8.91 0.22
C ASN A 680 -4.82 8.90 -0.56
N PRO A 681 -5.36 7.71 -0.86
CA PRO A 681 -6.60 7.65 -1.64
C PRO A 681 -7.77 8.38 -1.01
N ILE A 682 -7.83 8.47 0.32
CA ILE A 682 -8.99 9.06 0.97
C ILE A 682 -9.15 10.53 0.58
N VAL A 683 -8.07 11.30 0.75
CA VAL A 683 -8.14 12.73 0.44
C VAL A 683 -8.36 12.94 -1.06
N GLU A 684 -7.75 12.08 -1.88
CA GLU A 684 -7.94 12.21 -3.33
C GLU A 684 -9.40 12.00 -3.71
N GLN A 685 -10.03 10.96 -3.15
CA GLN A 685 -11.44 10.73 -3.41
C GLN A 685 -12.29 11.91 -2.96
N VAL A 686 -12.02 12.42 -1.75
CA VAL A 686 -12.80 13.55 -1.25
C VAL A 686 -12.65 14.75 -2.17
N ILE A 687 -11.42 15.02 -2.60
CA ILE A 687 -11.18 16.18 -3.43
C ILE A 687 -11.87 16.03 -4.77
N THR A 688 -11.72 14.89 -5.40
CA THR A 688 -12.30 14.70 -6.73
C THR A 688 -13.82 14.79 -6.67
N GLU A 689 -14.43 14.20 -5.65
CA GLU A 689 -15.87 14.30 -5.50
C GLU A 689 -16.29 15.73 -5.22
N THR A 690 -15.49 16.48 -4.46
CA THR A 690 -15.79 17.89 -4.24
C THR A 690 -15.77 18.67 -5.55
N LEU A 691 -14.78 18.40 -6.40
CA LEU A 691 -14.72 19.07 -7.68
C LEU A 691 -15.94 18.73 -8.54
N ARG A 692 -16.34 17.46 -8.56
CA ARG A 692 -17.52 17.08 -9.32
C ARG A 692 -18.78 17.76 -8.78
N VAL A 693 -18.91 17.83 -7.46
CA VAL A 693 -20.05 18.50 -6.85
C VAL A 693 -20.07 19.97 -7.22
N VAL A 694 -18.89 20.61 -7.19
CA VAL A 694 -18.81 22.03 -7.54
C VAL A 694 -19.22 22.24 -8.99
N LYS A 695 -18.76 21.36 -9.89
CA LYS A 695 -19.15 21.48 -11.28
C LYS A 695 -20.65 21.33 -11.45
N ASP A 696 -21.25 20.35 -10.74
CA ASP A 696 -22.69 20.15 -10.84
C ASP A 696 -23.44 21.37 -10.33
N ILE A 697 -22.99 21.95 -9.21
CA ILE A 697 -23.63 23.15 -8.67
C ILE A 697 -23.54 24.30 -9.68
N TRP A 698 -22.35 24.48 -10.26
CA TRP A 698 -22.15 25.53 -11.24
C TRP A 698 -23.11 25.36 -12.41
N LEU A 699 -23.18 24.15 -12.97
CA LEU A 699 -24.06 23.92 -14.11
C LEU A 699 -25.52 24.15 -13.74
N LYS A 700 -25.94 23.66 -12.57
CA LYS A 700 -27.35 23.76 -12.22
C LYS A 700 -27.78 25.20 -11.96
N TYR A 701 -27.02 25.93 -11.15
CA TYR A 701 -27.46 27.23 -10.67
C TYR A 701 -26.91 28.41 -11.45
N GLY A 702 -25.98 28.18 -12.40
CA GLY A 702 -25.41 29.29 -13.13
C GLY A 702 -25.13 28.99 -14.59
N ASN A 703 -25.59 27.84 -15.06
CA ASN A 703 -25.41 27.43 -16.45
C ASN A 703 -23.94 27.34 -16.84
N GLY A 704 -23.04 27.26 -15.88
CA GLY A 704 -21.63 27.22 -16.18
C GLY A 704 -21.07 28.51 -16.72
N THR A 705 -21.74 29.64 -16.49
CA THR A 705 -21.28 30.91 -17.01
C THR A 705 -20.05 31.38 -16.24
N LYS A 706 -19.32 32.32 -16.85
CA LYS A 706 -18.09 32.82 -16.25
C LYS A 706 -18.38 33.62 -14.99
N ASP A 707 -17.52 33.45 -13.99
CA ASP A 707 -17.59 34.24 -12.76
C ASP A 707 -18.99 34.19 -12.14
N PHE A 708 -19.56 32.99 -12.09
CA PHE A 708 -20.84 32.83 -11.40
C PHE A 708 -20.67 32.89 -9.89
N PHE A 709 -19.63 32.24 -9.37
CA PHE A 709 -19.39 32.19 -7.93
C PHE A 709 -18.65 33.46 -7.52
N ASN A 710 -19.34 34.35 -6.81
CA ASN A 710 -18.67 35.54 -6.30
C ASN A 710 -17.63 35.18 -5.23
N GLU A 711 -17.97 34.24 -4.35
CA GLU A 711 -17.02 33.84 -3.31
C GLU A 711 -17.23 32.37 -2.96
N ILE A 712 -16.14 31.74 -2.54
CA ILE A 712 -16.15 30.34 -2.10
C ILE A 712 -15.48 30.29 -0.73
N HIS A 713 -16.23 29.88 0.29
CA HIS A 713 -15.72 29.70 1.63
C HIS A 713 -15.58 28.21 1.91
N ILE A 714 -14.50 27.83 2.60
CA ILE A 714 -14.16 26.43 2.79
C ILE A 714 -13.88 26.17 4.27
N GLU A 715 -14.17 24.94 4.69
CA GLU A 715 -13.82 24.50 6.04
C GLU A 715 -13.59 23.00 6.02
N LEU A 716 -12.81 22.53 6.99
CA LEU A 716 -12.49 21.11 7.12
C LEU A 716 -13.07 20.50 8.38
N GLY A 717 -12.80 21.07 9.55
CA GLY A 717 -13.31 20.55 10.80
C GLY A 717 -12.90 19.12 11.06
N ASP A 930 -3.95 16.12 9.79
CA ASP A 930 -4.25 14.90 9.05
C ASP A 930 -5.22 15.20 7.90
N THR A 931 -6.42 15.67 8.25
CA THR A 931 -7.34 16.18 7.23
C THR A 931 -6.82 17.48 6.63
N ARG A 932 -5.92 18.17 7.31
CA ARG A 932 -5.44 19.48 6.83
C ARG A 932 -4.98 19.47 5.38
N TYR A 933 -4.57 18.32 4.88
CA TYR A 933 -4.05 18.23 3.52
C TYR A 933 -4.97 18.88 2.49
N ILE A 934 -6.28 18.75 2.69
CA ILE A 934 -7.24 19.29 1.73
C ILE A 934 -7.60 20.73 2.04
N SER A 935 -6.80 21.37 2.87
CA SER A 935 -7.00 22.79 3.19
C SER A 935 -6.43 23.71 2.13
N LYS A 936 -5.18 23.50 1.72
CA LYS A 936 -4.53 24.38 0.75
C LYS A 936 -4.65 23.90 -0.69
N TYR A 937 -4.62 22.59 -0.93
CA TYR A 937 -4.73 22.08 -2.29
C TYR A 937 -6.08 22.47 -2.90
N ILE A 938 -7.16 22.24 -2.15
CA ILE A 938 -8.49 22.56 -2.67
C ILE A 938 -8.63 24.06 -2.89
N SER A 939 -8.08 24.86 -1.98
CA SER A 939 -8.14 26.30 -2.15
C SER A 939 -7.39 26.73 -3.40
N GLY A 940 -6.21 26.16 -3.63
CA GLY A 940 -5.46 26.51 -4.82
C GLY A 940 -6.18 26.13 -6.10
N ILE A 941 -6.79 24.94 -6.11
CA ILE A 941 -7.52 24.51 -7.30
C ILE A 941 -8.74 25.40 -7.54
N LEU A 942 -9.48 25.71 -6.47
CA LEU A 942 -10.71 26.47 -6.61
C LEU A 942 -10.47 27.96 -6.86
N SER A 943 -9.27 28.46 -6.55
CA SER A 943 -8.98 29.87 -6.83
C SER A 943 -9.12 30.18 -8.31
N ASN A 944 -9.01 29.18 -9.18
CA ASN A 944 -9.14 29.41 -10.61
C ASN A 944 -10.56 29.80 -11.01
N ILE A 945 -11.53 29.67 -10.11
CA ILE A 945 -12.92 29.97 -10.42
C ILE A 945 -13.27 31.37 -9.91
N VAL A 946 -12.60 31.82 -8.86
CA VAL A 946 -12.95 33.07 -8.20
C VAL A 946 -11.77 34.03 -8.20
N ARG A 947 -10.94 33.95 -9.23
CA ARG A 947 -9.83 34.87 -9.34
C ARG A 947 -10.23 36.12 -10.08
N VAL A 948 -9.45 37.16 -9.94
CA VAL A 948 -9.68 38.43 -10.63
C VAL A 948 -8.47 38.71 -11.52
N GLU A 949 -8.74 39.04 -12.79
CA GLU A 949 -7.71 39.21 -13.79
C GLU A 949 -7.21 40.64 -13.92
N ASP A 950 -7.70 41.55 -13.08
CA ASP A 950 -7.32 42.96 -13.18
C ASP A 950 -5.99 43.28 -12.49
N GLY A 951 -5.36 42.30 -11.87
CA GLY A 951 -4.09 42.49 -11.18
C GLY A 951 -4.23 42.69 -9.69
N SER A 952 -5.42 43.04 -9.20
CA SER A 952 -5.61 43.22 -7.77
C SER A 952 -5.52 41.89 -7.01
N ASP A 953 -5.87 40.79 -7.67
CA ASP A 953 -5.87 39.46 -7.05
C ASP A 953 -4.69 38.67 -7.61
N GLU A 954 -3.61 38.58 -6.84
CA GLU A 954 -2.45 37.79 -7.19
C GLU A 954 -1.92 37.10 -5.95
N GLY A 955 -1.58 35.83 -6.09
CA GLY A 955 -1.06 35.06 -4.97
C GLY A 955 -1.41 33.60 -5.14
N VAL A 956 -1.00 32.82 -4.13
CA VAL A 956 -1.26 31.38 -4.16
C VAL A 956 -2.77 31.12 -4.18
N ASN A 957 -3.53 31.84 -3.34
CA ASN A 957 -4.96 31.69 -3.27
C ASN A 957 -5.63 33.04 -3.57
N SER A 958 -6.70 32.99 -4.35
CA SER A 958 -7.45 34.20 -4.64
C SER A 958 -8.05 34.77 -3.36
N LYS A 959 -8.17 36.10 -3.32
CA LYS A 959 -8.74 36.75 -2.14
C LYS A 959 -10.20 36.40 -1.93
N ASN A 960 -10.87 35.82 -2.93
CA ASN A 960 -12.25 35.41 -2.79
C ASN A 960 -12.40 34.06 -2.10
N ILE A 961 -11.31 33.37 -1.81
CA ILE A 961 -11.34 32.13 -1.04
C ILE A 961 -11.14 32.50 0.42
N VAL A 962 -12.08 32.12 1.27
CA VAL A 962 -12.11 32.58 2.66
C VAL A 962 -12.17 31.39 3.61
N PRO A 963 -11.05 30.73 3.90
CA PRO A 963 -11.08 29.65 4.89
C PRO A 963 -11.54 30.14 6.25
N GLY A 964 -12.32 29.30 6.93
CA GLY A 964 -12.84 29.62 8.24
C GLY A 964 -12.16 28.81 9.33
N ASN A 965 -12.71 28.93 10.53
CA ASN A 965 -12.24 28.17 11.68
C ASN A 965 -13.44 27.73 12.51
N GLY A 966 -13.20 26.75 13.40
CA GLY A 966 -14.26 26.25 14.25
C GLY A 966 -14.84 27.28 15.20
N LYS A 967 -14.03 28.26 15.62
CA LYS A 967 -14.51 29.27 16.57
C LYS A 967 -15.69 30.03 15.98
N ILE A 968 -15.51 30.57 14.77
CA ILE A 968 -16.57 31.34 14.14
C ILE A 968 -17.79 30.47 13.91
N THR A 969 -17.59 29.25 13.39
CA THR A 969 -18.72 28.38 13.10
C THR A 969 -19.54 28.11 14.35
N THR A 970 -18.89 27.70 15.44
CA THR A 970 -19.63 27.37 16.65
C THR A 970 -20.28 28.61 17.26
N GLN A 971 -19.58 29.74 17.27
CA GLN A 971 -20.15 30.94 17.86
C GLN A 971 -21.37 31.41 17.07
N LEU A 972 -21.29 31.36 15.73
CA LEU A 972 -22.42 31.77 14.91
C LEU A 972 -23.59 30.80 15.05
N LYS A 973 -23.29 29.50 15.12
CA LYS A 973 -24.37 28.52 15.32
C LYS A 973 -25.08 28.78 16.63
N GLN A 974 -24.33 29.06 17.70
CA GLN A 974 -24.96 29.36 18.98
C GLN A 974 -25.76 30.65 18.92
N ASP A 975 -25.20 31.69 18.28
CA ASP A 975 -25.85 32.99 18.29
C ASP A 975 -27.03 33.05 17.33
N TRP A 976 -26.96 32.36 16.19
CA TRP A 976 -28.00 32.43 15.19
C TRP A 976 -29.13 31.43 15.46
N GLY A 977 -29.05 30.66 16.53
CA GLY A 977 -30.11 29.74 16.88
C GLY A 977 -30.06 28.40 16.16
N LEU A 978 -29.06 28.17 15.32
CA LEU A 978 -29.02 26.92 14.57
C LEU A 978 -28.86 25.72 15.49
N ASN A 979 -28.27 25.91 16.67
CA ASN A 979 -28.20 24.82 17.64
C ASN A 979 -29.60 24.41 18.10
N ASP A 980 -30.47 25.40 18.33
CA ASP A 980 -31.85 25.09 18.69
C ASP A 980 -32.55 24.33 17.58
N VAL A 981 -32.34 24.76 16.33
CA VAL A 981 -32.96 24.08 15.20
C VAL A 981 -32.47 22.64 15.13
N TRP A 982 -31.17 22.43 15.31
CA TRP A 982 -30.62 21.07 15.24
C TRP A 982 -31.19 20.20 16.36
N ASN A 983 -31.27 20.74 17.58
CA ASN A 983 -31.79 19.97 18.69
C ASN A 983 -33.25 19.59 18.45
N ASP A 984 -34.05 20.53 17.96
CA ASP A 984 -35.44 20.20 17.63
C ASP A 984 -35.50 19.18 16.51
N LEU A 985 -34.56 19.24 15.57
CA LEU A 985 -34.53 18.28 14.47
C LEU A 985 -34.27 16.87 14.97
N ILE A 986 -33.33 16.72 15.91
CA ILE A 986 -32.93 15.38 16.34
C ILE A 986 -33.70 14.87 17.55
N LEU A 987 -34.51 15.71 18.20
CA LEU A 987 -35.24 15.27 19.39
C LEU A 987 -36.08 14.02 19.18
N PRO A 988 -36.85 13.87 18.10
CA PRO A 988 -37.72 12.68 18.00
C PRO A 988 -36.97 11.37 18.09
N ARG A 989 -35.72 11.32 17.62
CA ARG A 989 -34.94 10.10 17.78
C ARG A 989 -34.72 9.77 19.25
N PHE A 990 -34.44 10.79 20.07
CA PHE A 990 -34.24 10.55 21.49
C PHE A 990 -35.54 10.24 22.20
N GLU A 991 -36.66 10.82 21.74
CA GLU A 991 -37.95 10.41 22.27
C GLU A 991 -38.23 8.94 21.96
N ARG A 992 -37.89 8.50 20.75
CA ARG A 992 -38.04 7.10 20.41
C ARG A 992 -37.15 6.22 21.28
N MET A 993 -35.92 6.66 21.55
CA MET A 993 -35.06 5.90 22.44
C MET A 993 -35.65 5.81 23.85
N ASN A 994 -36.19 6.92 24.34
CA ASN A 994 -36.88 6.89 25.64
C ASN A 994 -37.99 5.85 25.63
N GLN A 995 -38.81 5.85 24.59
CA GLN A 995 -39.89 4.87 24.51
C GLN A 995 -39.35 3.45 24.47
N LEU A 996 -38.28 3.23 23.71
CA LEU A 996 -37.70 1.89 23.59
C LEU A 996 -37.20 1.39 24.93
N THR A 997 -36.47 2.23 25.66
CA THR A 997 -35.86 1.84 26.91
C THR A 997 -36.84 1.92 28.09
N ASN A 998 -38.06 2.40 27.87
CA ASN A 998 -39.04 2.54 28.93
C ASN A 998 -38.49 3.38 30.08
N SER A 999 -37.77 4.43 29.75
CA SER A 999 -37.19 5.33 30.73
C SER A 999 -37.40 6.76 30.25
N LYS A 1000 -36.78 7.72 30.95
CA LYS A 1000 -36.83 9.12 30.56
C LYS A 1000 -35.46 9.78 30.69
N ASP A 1001 -34.40 9.00 30.44
CA ASP A 1001 -33.04 9.50 30.61
C ASP A 1001 -32.40 9.98 29.31
N PHE A 1002 -33.10 9.85 28.20
CA PHE A 1002 -32.58 10.30 26.92
C PHE A 1002 -33.04 11.70 26.55
N THR A 1003 -33.83 12.35 27.40
CA THR A 1003 -34.27 13.72 27.16
C THR A 1003 -34.36 14.43 28.50
N ALA A 1004 -33.70 15.59 28.61
CA ALA A 1004 -33.64 16.37 29.83
C ALA A 1004 -34.42 17.66 29.65
N TRP A 1005 -35.30 17.95 30.59
CA TRP A 1005 -36.06 19.18 30.54
C TRP A 1005 -35.22 20.35 31.02
N ASN A 1006 -35.37 21.50 30.35
CA ASN A 1006 -34.76 22.75 30.80
C ASN A 1006 -35.84 23.81 30.84
N GLU A 1007 -35.80 24.62 31.90
CA GLU A 1007 -36.81 25.65 32.14
C GLU A 1007 -36.43 27.00 31.58
N ASN A 1008 -35.15 27.25 31.34
CA ASN A 1008 -34.75 28.50 30.71
C ASN A 1008 -35.36 28.61 29.31
N HIS A 1009 -35.33 27.51 28.55
CA HIS A 1009 -35.99 27.43 27.27
C HIS A 1009 -37.34 26.75 27.34
N GLN A 1010 -37.67 26.13 28.48
CA GLN A 1010 -38.97 25.49 28.69
C GLN A 1010 -39.25 24.44 27.62
N LYS A 1011 -38.40 23.41 27.59
CA LYS A 1011 -38.60 22.32 26.64
C LYS A 1011 -37.59 21.22 26.93
N PHE A 1012 -37.69 20.14 26.16
CA PHE A 1012 -36.83 18.97 26.31
C PHE A 1012 -35.65 19.07 25.34
N LEU A 1013 -34.45 18.83 25.86
CA LEU A 1013 -33.24 18.77 25.06
C LEU A 1013 -32.72 17.34 25.02
N PRO A 1014 -32.28 16.86 23.85
CA PRO A 1014 -31.78 15.48 23.78
C PRO A 1014 -30.55 15.29 24.65
N THR A 1015 -30.45 14.12 25.25
CA THR A 1015 -29.34 13.80 26.13
C THR A 1015 -29.16 12.29 26.15
N VAL A 1016 -28.01 11.86 26.67
CA VAL A 1016 -27.67 10.44 26.74
C VAL A 1016 -27.25 10.11 28.17
N PRO A 1017 -27.59 8.95 28.72
CA PRO A 1017 -27.11 8.60 30.06
C PRO A 1017 -25.60 8.40 30.06
N ILE A 1018 -25.02 8.56 31.25
CA ILE A 1018 -23.56 8.55 31.37
C ILE A 1018 -22.98 7.23 30.88
N GLU A 1019 -23.62 6.11 31.22
CA GLU A 1019 -23.08 4.81 30.83
C GLU A 1019 -22.97 4.65 29.32
N PHE A 1020 -23.77 5.36 28.54
CA PHE A 1020 -23.72 5.31 27.09
C PHE A 1020 -23.07 6.56 26.50
N SER A 1021 -22.35 7.33 27.30
CA SER A 1021 -21.75 8.59 26.88
C SER A 1021 -20.26 8.44 26.56
N LYS A 1022 -19.88 7.29 26.00
CA LYS A 1022 -18.46 7.06 25.70
C LYS A 1022 -17.94 8.09 24.71
N GLY A 1023 -18.48 8.11 23.50
CA GLY A 1023 -18.05 9.04 22.48
C GLY A 1023 -19.23 9.68 21.76
N PHE A 1024 -20.32 9.87 22.50
CA PHE A 1024 -21.54 10.41 21.91
C PHE A 1024 -21.33 11.84 21.42
N SER A 1025 -21.96 12.17 20.30
CA SER A 1025 -21.94 13.52 19.75
C SER A 1025 -23.28 13.81 19.10
N LYS A 1026 -23.91 14.90 19.52
CA LYS A 1026 -25.21 15.27 18.97
C LYS A 1026 -25.15 15.65 17.51
N LYS A 1027 -23.97 16.01 17.01
CA LYS A 1027 -23.83 16.47 15.63
C LYS A 1027 -23.50 15.34 14.65
N ARG A 1028 -22.83 14.29 15.12
CA ARG A 1028 -22.29 13.27 14.23
C ARG A 1028 -23.29 12.16 13.93
N ILE A 1029 -24.49 12.19 14.52
CA ILE A 1029 -25.45 11.10 14.39
C ILE A 1029 -26.36 11.33 13.19
N ASP A 1030 -26.03 12.31 12.36
CA ASP A 1030 -26.86 12.64 11.21
C ASP A 1030 -25.99 13.25 10.13
N HIS A 1031 -26.22 12.84 8.88
CA HIS A 1031 -25.42 13.37 7.78
C HIS A 1031 -25.70 14.86 7.56
N ARG A 1032 -26.95 15.27 7.75
CA ARG A 1032 -27.36 16.59 7.31
C ARG A 1032 -26.53 17.70 7.95
N HIS A 1033 -25.94 17.46 9.12
CA HIS A 1033 -25.21 18.53 9.77
C HIS A 1033 -24.09 19.05 8.87
N HIS A 1034 -23.55 18.23 7.97
CA HIS A 1034 -22.55 18.73 7.03
C HIS A 1034 -23.10 19.93 6.26
N ALA A 1035 -24.28 19.76 5.66
CA ALA A 1035 -24.93 20.86 4.97
C ALA A 1035 -25.03 22.08 5.89
N LEU A 1036 -25.52 21.86 7.12
CA LEU A 1036 -25.63 22.96 8.07
C LEU A 1036 -24.30 23.69 8.19
N ASP A 1037 -23.21 22.95 8.38
CA ASP A 1037 -21.90 23.58 8.49
C ASP A 1037 -21.66 24.49 7.30
N ALA A 1038 -21.85 23.95 6.09
CA ALA A 1038 -21.63 24.75 4.89
C ALA A 1038 -22.40 26.06 4.97
N LEU A 1039 -23.65 26.00 5.40
CA LEU A 1039 -24.46 27.22 5.49
C LEU A 1039 -23.76 28.25 6.36
N VAL A 1040 -23.36 27.86 7.57
CA VAL A 1040 -22.72 28.81 8.47
C VAL A 1040 -21.45 29.35 7.85
N ILE A 1041 -20.79 28.54 7.01
CA ILE A 1041 -19.56 29.00 6.36
C ILE A 1041 -19.85 29.86 5.16
N ALA A 1042 -21.02 29.71 4.54
CA ALA A 1042 -21.38 30.52 3.38
C ALA A 1042 -21.94 31.88 3.78
N CYS A 1043 -22.32 32.06 5.04
CA CYS A 1043 -22.86 33.33 5.52
C CYS A 1043 -21.86 34.10 6.37
N ALA A 1044 -20.72 33.52 6.70
CA ALA A 1044 -19.69 34.23 7.44
C ALA A 1044 -18.79 34.99 6.47
N THR A 1045 -18.84 36.31 6.54
CA THR A 1045 -18.08 37.17 5.65
C THR A 1045 -16.63 37.26 6.11
N THR A 1046 -15.78 37.80 5.23
CA THR A 1046 -14.39 38.03 5.61
C THR A 1046 -14.30 38.88 6.87
N ASP A 1047 -15.28 39.76 7.08
CA ASP A 1047 -15.30 40.55 8.30
C ASP A 1047 -15.42 39.65 9.53
N HIS A 1048 -16.28 38.63 9.47
CA HIS A 1048 -16.44 37.73 10.62
C HIS A 1048 -15.13 37.00 10.93
N VAL A 1049 -14.49 36.43 9.91
CA VAL A 1049 -13.26 35.68 10.15
C VAL A 1049 -12.19 36.61 10.70
N ASN A 1050 -12.04 37.80 10.12
CA ASN A 1050 -11.04 38.73 10.62
C ASN A 1050 -11.33 39.12 12.05
N LEU A 1051 -12.59 39.39 12.35
CA LEU A 1051 -12.95 39.84 13.70
C LEU A 1051 -12.67 38.78 14.73
N LEU A 1052 -13.04 37.53 14.45
CA LEU A 1052 -12.91 36.48 15.45
C LEU A 1052 -11.55 35.80 15.43
N ASN A 1053 -10.69 36.16 14.47
CA ASN A 1053 -9.31 35.63 14.45
C ASN A 1053 -8.38 36.65 15.04
N ASN A 1054 -8.66 37.94 14.82
CA ASN A 1054 -7.84 39.02 15.33
C ASN A 1054 -8.59 39.90 16.31
N GLN A 1055 -9.43 39.31 17.17
CA GLN A 1055 -10.24 40.10 18.09
C GLN A 1055 -9.37 40.99 18.97
N SER A 1056 -8.09 40.65 19.14
CA SER A 1056 -7.17 41.55 19.82
C SER A 1056 -7.18 42.88 19.07
N ALA A 1057 -7.71 43.93 19.70
CA ALA A 1057 -7.99 45.18 19.01
C ALA A 1057 -6.96 46.26 19.28
N LYS A 1058 -6.13 46.12 20.32
CA LYS A 1058 -5.16 47.18 20.73
C LYS A 1058 -5.86 48.48 21.11
N SER A 1059 -7.15 48.59 20.85
CA SER A 1059 -7.95 49.77 21.15
C SER A 1059 -9.39 49.40 20.84
N ASP A 1060 -10.30 49.63 21.78
CA ASP A 1060 -11.69 49.25 21.54
C ASP A 1060 -12.25 49.93 20.31
N THR A 1061 -11.78 51.15 20.00
CA THR A 1061 -12.38 51.94 18.94
C THR A 1061 -12.20 51.30 17.57
N LYS A 1062 -10.95 50.93 17.23
CA LYS A 1062 -10.66 50.46 15.88
C LYS A 1062 -11.39 49.17 15.52
N ARG A 1063 -11.80 48.38 16.52
CA ARG A 1063 -12.64 47.22 16.26
C ARG A 1063 -14.08 47.43 16.70
N TYR A 1064 -14.38 48.55 17.36
CA TYR A 1064 -15.77 48.87 17.68
C TYR A 1064 -16.61 48.99 16.43
N ASP A 1065 -16.01 49.43 15.32
CA ASP A 1065 -16.75 49.50 14.06
C ASP A 1065 -17.26 48.13 13.64
N LEU A 1066 -16.39 47.11 13.72
CA LEU A 1066 -16.80 45.76 13.35
C LEU A 1066 -17.80 45.20 14.35
N LYS A 1067 -17.64 45.54 15.63
CA LYS A 1067 -18.59 45.10 16.63
C LYS A 1067 -19.97 45.67 16.33
N LYS A 1068 -20.04 46.93 15.98
CA LYS A 1068 -21.32 47.56 15.65
C LYS A 1068 -21.91 47.00 14.36
N LYS A 1069 -21.07 46.82 13.33
CA LYS A 1069 -21.57 46.34 12.05
C LYS A 1069 -22.04 44.90 12.13
N LEU A 1070 -21.48 44.11 13.05
CA LEU A 1070 -21.69 42.67 13.07
C LEU A 1070 -22.38 42.15 14.33
N MET A 1071 -22.36 42.88 15.43
CA MET A 1071 -22.87 42.38 16.70
C MET A 1071 -23.92 43.33 17.27
N LYS A 1072 -24.98 42.74 17.81
CA LYS A 1072 -26.02 43.49 18.50
C LYS A 1072 -25.50 43.99 19.84
N PHE A 1073 -25.93 45.18 20.24
CA PHE A 1073 -25.52 45.76 21.51
C PHE A 1073 -26.72 45.93 22.44
N PRO A 1092 -21.02 43.86 22.99
CA PRO A 1092 -20.72 42.60 22.30
C PRO A 1092 -21.47 41.42 22.89
N LYS A 1093 -22.68 41.15 22.39
CA LYS A 1093 -23.52 40.09 22.95
C LYS A 1093 -23.74 38.97 21.93
N GLN A 1094 -24.28 39.31 20.76
CA GLN A 1094 -24.59 38.33 19.74
C GLN A 1094 -24.46 38.95 18.36
N PHE A 1095 -24.16 38.11 17.37
CA PHE A 1095 -24.07 38.58 15.99
C PHE A 1095 -25.45 38.70 15.36
N LEU A 1096 -25.64 39.73 14.54
CA LEU A 1096 -26.89 39.87 13.82
C LEU A 1096 -27.03 38.75 12.80
N LYS A 1097 -28.26 38.28 12.61
CA LYS A 1097 -28.51 37.23 11.65
C LYS A 1097 -28.26 37.77 10.24
N PRO A 1098 -27.86 36.91 9.30
CA PRO A 1098 -27.63 37.39 7.93
C PRO A 1098 -28.84 38.10 7.33
N TRP A 1099 -30.05 37.63 7.61
CA TRP A 1099 -31.26 38.35 7.26
C TRP A 1099 -32.35 37.96 8.25
N GLU A 1100 -33.52 38.60 8.09
CA GLU A 1100 -34.57 38.48 9.10
C GLU A 1100 -35.00 37.04 9.30
N LYS A 1101 -35.28 36.33 8.21
CA LYS A 1101 -35.80 34.97 8.26
C LYS A 1101 -34.71 33.92 8.05
N PHE A 1102 -33.50 34.19 8.53
CA PHE A 1102 -32.40 33.25 8.32
C PHE A 1102 -32.66 31.93 9.02
N THR A 1103 -33.11 31.98 10.27
CA THR A 1103 -33.32 30.75 11.03
C THR A 1103 -34.45 29.92 10.43
N VAL A 1104 -35.57 30.58 10.07
CA VAL A 1104 -36.68 29.86 9.48
C VAL A 1104 -36.26 29.22 8.16
N ASP A 1105 -35.54 29.98 7.33
CA ASP A 1105 -35.08 29.44 6.05
C ASP A 1105 -34.14 28.27 6.26
N ALA A 1106 -33.22 28.38 7.21
CA ALA A 1106 -32.29 27.28 7.47
C ALA A 1106 -33.03 26.04 7.93
N LYS A 1107 -34.00 26.20 8.83
CA LYS A 1107 -34.80 25.05 9.28
C LYS A 1107 -35.53 24.42 8.11
N HIS A 1108 -36.19 25.24 7.30
CA HIS A 1108 -36.99 24.70 6.20
C HIS A 1108 -36.12 24.00 5.16
N ASN A 1109 -34.91 24.52 4.93
CA ASN A 1109 -34.02 23.90 3.96
C ASN A 1109 -33.43 22.61 4.50
N LEU A 1110 -33.06 22.60 5.79
CA LEU A 1110 -32.51 21.38 6.38
C LEU A 1110 -33.57 20.28 6.42
N GLU A 1111 -34.83 20.65 6.64
CA GLU A 1111 -35.89 19.65 6.75
C GLU A 1111 -36.17 18.94 5.43
N SER A 1112 -35.63 19.42 4.31
CA SER A 1112 -35.94 18.89 2.99
C SER A 1112 -34.67 18.59 2.21
N ILE A 1113 -33.73 17.91 2.87
CA ILE A 1113 -32.47 17.49 2.24
C ILE A 1113 -32.51 15.98 2.06
N ILE A 1114 -32.18 15.53 0.86
CA ILE A 1114 -32.01 14.11 0.56
C ILE A 1114 -30.53 13.87 0.39
N VAL A 1115 -29.94 13.11 1.31
CA VAL A 1115 -28.52 12.83 1.26
C VAL A 1115 -28.21 11.95 0.06
N SER A 1116 -27.18 12.31 -0.70
CA SER A 1116 -26.76 11.56 -1.87
C SER A 1116 -25.55 10.71 -1.52
N PHE A 1117 -25.62 9.42 -1.85
CA PHE A 1117 -24.58 8.46 -1.52
C PHE A 1117 -23.93 7.95 -2.80
N LYS A 1118 -22.61 7.79 -2.76
CA LYS A 1118 -21.88 7.28 -3.91
C LYS A 1118 -21.95 5.75 -3.93
N GLN A 1119 -22.19 5.19 -5.11
CA GLN A 1119 -22.36 3.76 -5.29
C GLN A 1119 -21.20 3.19 -6.07
N ASN A 1120 -20.76 2.00 -5.67
CA ASN A 1120 -19.72 1.24 -6.38
C ASN A 1120 -20.33 -0.09 -6.78
N LEU A 1121 -20.78 -0.19 -8.03
CA LEU A 1121 -21.43 -1.39 -8.55
C LEU A 1121 -20.63 -2.07 -9.64
N ARG A 1122 -19.31 -1.87 -9.63
CA ARG A 1122 -18.46 -2.48 -10.64
C ARG A 1122 -18.42 -3.99 -10.44
N VAL A 1123 -18.69 -4.73 -11.51
CA VAL A 1123 -18.67 -6.20 -11.47
C VAL A 1123 -17.66 -6.70 -12.49
N ILE A 1124 -17.89 -6.37 -13.76
CA ILE A 1124 -16.98 -6.71 -14.84
C ILE A 1124 -16.51 -5.42 -15.50
N ASN A 1125 -15.27 -5.44 -15.99
CA ASN A 1125 -14.71 -4.30 -16.69
C ASN A 1125 -13.68 -4.80 -17.68
N LYS A 1126 -13.61 -4.19 -18.87
CA LYS A 1126 -12.69 -4.67 -19.87
C LYS A 1126 -11.25 -4.43 -19.43
N ALA A 1127 -10.39 -5.41 -19.69
CA ALA A 1127 -8.98 -5.32 -19.36
C ALA A 1127 -8.16 -5.63 -20.59
N THR A 1128 -7.00 -4.97 -20.70
CA THR A 1128 -6.08 -5.15 -21.81
C THR A 1128 -4.81 -5.82 -21.30
N ASN A 1129 -4.30 -6.77 -22.08
CA ASN A 1129 -3.11 -7.53 -21.72
C ASN A 1129 -2.10 -7.43 -22.85
N TYR A 1130 -0.97 -6.79 -22.57
CA TYR A 1130 0.15 -6.72 -23.50
C TYR A 1130 1.27 -7.62 -22.99
N TYR A 1131 1.73 -8.53 -23.84
CA TYR A 1131 2.71 -9.52 -23.44
C TYR A 1131 3.82 -9.61 -24.48
N GLU A 1132 5.04 -9.89 -24.02
CA GLU A 1132 6.17 -10.04 -24.90
C GLU A 1132 6.00 -11.25 -25.80
N LYS A 1133 6.45 -11.14 -27.04
CA LYS A 1133 6.31 -12.22 -28.00
C LYS A 1133 7.15 -11.89 -29.23
N TYR A 1134 7.57 -12.92 -29.94
CA TYR A 1134 8.37 -12.76 -31.15
C TYR A 1134 7.43 -12.60 -32.34
N VAL A 1135 7.52 -11.46 -33.01
CA VAL A 1135 6.71 -11.14 -34.19
C VAL A 1135 7.61 -11.22 -35.41
N GLU A 1136 7.08 -11.81 -36.48
CA GLU A 1136 7.82 -11.99 -37.73
C GLU A 1136 7.49 -10.83 -38.65
N LYS A 1137 8.45 -9.90 -38.79
CA LYS A 1137 8.28 -8.74 -39.65
C LYS A 1137 9.46 -8.65 -40.61
N ASP A 1138 9.17 -8.45 -41.89
CA ASP A 1138 10.19 -8.25 -42.91
C ASP A 1138 11.20 -9.39 -42.91
N GLY A 1139 10.71 -10.61 -42.68
CA GLY A 1139 11.58 -11.77 -42.69
C GLY A 1139 12.49 -11.89 -41.49
N THR A 1140 12.19 -11.21 -40.39
CA THR A 1140 13.01 -11.25 -39.19
C THR A 1140 12.11 -11.34 -37.96
N LYS A 1141 12.52 -12.16 -37.00
CA LYS A 1141 11.81 -12.28 -35.73
C LYS A 1141 12.33 -11.22 -34.76
N ASN A 1142 11.41 -10.44 -34.20
CA ASN A 1142 11.78 -9.40 -33.23
C ASN A 1142 10.84 -9.47 -32.04
N LYS A 1143 11.39 -9.26 -30.85
CA LYS A 1143 10.59 -9.31 -29.63
C LYS A 1143 9.87 -7.99 -29.44
N GLU A 1144 8.55 -8.06 -29.22
CA GLU A 1144 7.74 -6.86 -29.03
C GLU A 1144 6.48 -7.25 -28.27
N ARG A 1145 5.73 -6.25 -27.86
CA ARG A 1145 4.53 -6.46 -27.05
C ARG A 1145 3.32 -6.61 -27.96
N VAL A 1146 2.59 -7.71 -27.78
CA VAL A 1146 1.38 -8.00 -28.53
C VAL A 1146 0.20 -7.93 -27.58
N GLU A 1147 -0.94 -7.51 -28.12
CA GLU A 1147 -2.17 -7.39 -27.35
C GLU A 1147 -2.96 -8.68 -27.40
N GLN A 1148 -3.46 -9.10 -26.23
CA GLN A 1148 -4.28 -10.31 -26.17
C GLN A 1148 -5.57 -10.09 -26.94
N ALA A 1149 -5.93 -11.07 -27.75
CA ALA A 1149 -7.14 -10.98 -28.57
C ALA A 1149 -8.36 -11.44 -27.78
N GLY A 1150 -9.53 -11.21 -28.36
CA GLY A 1150 -10.77 -11.61 -27.74
C GLY A 1150 -11.21 -10.63 -26.66
N THR A 1151 -12.35 -10.96 -26.05
CA THR A 1151 -12.93 -10.15 -24.98
C THR A 1151 -12.59 -10.81 -23.64
N ASN A 1152 -11.63 -10.23 -22.94
CA ASN A 1152 -11.19 -10.71 -21.63
C ASN A 1152 -11.67 -9.72 -20.58
N TRP A 1153 -12.69 -10.10 -19.83
CA TRP A 1153 -13.21 -9.26 -18.77
C TRP A 1153 -12.39 -9.44 -17.50
N ALA A 1154 -12.50 -8.45 -16.62
CA ALA A 1154 -11.88 -8.48 -15.30
C ALA A 1154 -12.97 -8.35 -14.27
N ILE A 1155 -12.96 -9.24 -13.28
CA ILE A 1155 -13.94 -9.22 -12.19
C ILE A 1155 -13.47 -8.20 -11.16
N ARG A 1156 -14.32 -7.24 -10.84
CA ARG A 1156 -13.95 -6.13 -9.99
C ARG A 1156 -14.40 -6.29 -8.54
N LYS A 1157 -14.86 -7.48 -8.16
CA LYS A 1157 -15.24 -7.78 -6.79
C LYS A 1157 -14.64 -9.11 -6.39
N PRO A 1158 -14.38 -9.31 -5.09
CA PRO A 1158 -13.93 -10.64 -4.63
C PRO A 1158 -15.05 -11.65 -4.76
N MET A 1159 -14.78 -12.73 -5.49
CA MET A 1159 -15.84 -13.68 -5.84
C MET A 1159 -16.23 -14.60 -4.69
N HIS A 1160 -15.45 -14.67 -3.62
CA HIS A 1160 -15.81 -15.54 -2.50
C HIS A 1160 -14.84 -15.29 -1.35
N LYS A 1161 -15.15 -15.90 -0.21
CA LYS A 1161 -14.28 -15.84 0.95
C LYS A 1161 -13.11 -16.81 0.79
N ASP A 1162 -12.04 -16.55 1.55
CA ASP A 1162 -10.83 -17.34 1.39
C ASP A 1162 -11.00 -18.76 1.92
N THR A 1163 -11.69 -18.93 3.04
CA THR A 1163 -11.82 -20.24 3.65
C THR A 1163 -12.57 -21.19 2.71
N VAL A 1164 -12.06 -22.41 2.58
CA VAL A 1164 -12.61 -23.41 1.69
C VAL A 1164 -13.02 -24.62 2.53
N SER A 1165 -14.24 -25.10 2.32
CA SER A 1165 -14.79 -26.24 3.04
C SER A 1165 -15.08 -27.38 2.07
N GLY A 1166 -14.98 -28.60 2.58
CA GLY A 1166 -15.27 -29.79 1.80
C GLY A 1166 -16.66 -30.31 2.08
N LYS A 1167 -17.24 -30.99 1.09
CA LYS A 1167 -18.58 -31.51 1.20
C LYS A 1167 -18.57 -32.89 1.85
N VAL A 1168 -19.48 -33.10 2.80
CA VAL A 1168 -19.58 -34.36 3.53
C VAL A 1168 -21.05 -34.75 3.60
N ASP A 1169 -21.28 -36.03 3.85
CA ASP A 1169 -22.63 -36.56 4.10
C ASP A 1169 -22.58 -37.41 5.37
N LEU A 1170 -23.24 -36.94 6.41
CA LEU A 1170 -23.26 -37.63 7.69
C LEU A 1170 -24.63 -38.25 7.89
N PRO A 1171 -24.76 -39.58 7.87
CA PRO A 1171 -26.11 -40.18 7.95
C PRO A 1171 -26.85 -39.83 9.23
N TRP A 1172 -26.14 -39.41 10.27
CA TRP A 1172 -26.77 -39.07 11.55
C TRP A 1172 -27.17 -37.60 11.64
N VAL A 1173 -27.17 -36.88 10.52
CA VAL A 1173 -27.57 -35.48 10.48
C VAL A 1173 -28.62 -35.31 9.39
N LYS A 1174 -29.74 -34.69 9.75
CA LYS A 1174 -30.82 -34.45 8.80
C LYS A 1174 -30.50 -33.24 7.95
N VAL A 1175 -30.56 -33.40 6.64
CA VAL A 1175 -30.22 -32.32 5.70
C VAL A 1175 -31.49 -31.90 4.96
N PRO A 1176 -32.10 -30.77 5.30
CA PRO A 1176 -33.30 -30.35 4.57
C PRO A 1176 -32.98 -30.06 3.11
N LYS A 1177 -33.98 -30.26 2.26
CA LYS A 1177 -33.79 -30.07 0.83
C LYS A 1177 -33.29 -28.65 0.55
N GLY A 1178 -32.31 -28.55 -0.34
CA GLY A 1178 -31.72 -27.27 -0.70
C GLY A 1178 -30.54 -26.85 0.13
N LYS A 1179 -30.04 -27.70 1.01
CA LYS A 1179 -28.90 -27.38 1.86
C LYS A 1179 -27.92 -28.54 1.86
N ILE A 1180 -26.67 -28.24 2.19
CA ILE A 1180 -25.61 -29.23 2.20
C ILE A 1180 -24.75 -29.06 3.46
N LEU A 1181 -24.06 -30.14 3.80
CA LEU A 1181 -23.11 -30.14 4.91
C LEU A 1181 -21.70 -29.94 4.36
N THR A 1182 -20.97 -28.99 4.94
CA THR A 1182 -19.60 -28.72 4.53
C THR A 1182 -18.71 -28.67 5.77
N ALA A 1183 -17.55 -29.30 5.69
CA ALA A 1183 -16.65 -29.44 6.82
C ALA A 1183 -15.30 -28.79 6.53
N THR A 1184 -14.65 -28.35 7.60
CA THR A 1184 -13.33 -27.75 7.48
C THR A 1184 -12.54 -28.01 8.76
N ARG A 1185 -11.21 -27.97 8.65
CA ARG A 1185 -10.34 -28.30 9.76
C ARG A 1185 -10.17 -27.11 10.68
N LYS A 1186 -10.28 -27.36 11.99
CA LYS A 1186 -10.08 -26.35 13.02
C LYS A 1186 -9.19 -26.91 14.11
N SER A 1187 -8.38 -26.04 14.70
CA SER A 1187 -7.50 -26.45 15.79
C SER A 1187 -8.31 -26.74 17.04
N LEU A 1188 -7.91 -27.77 17.77
CA LEU A 1188 -8.54 -28.12 19.03
C LEU A 1188 -8.02 -27.20 20.12
N ASP A 1189 -8.92 -26.43 20.73
CA ASP A 1189 -8.53 -25.44 21.73
C ASP A 1189 -9.58 -25.41 22.83
N SER A 1190 -9.49 -24.40 23.69
CA SER A 1190 -10.38 -24.28 24.84
C SER A 1190 -11.80 -23.87 24.47
N SER A 1191 -12.04 -23.49 23.22
CA SER A 1191 -13.38 -23.10 22.77
C SER A 1191 -14.23 -24.31 22.41
N PHE A 1192 -13.86 -25.51 22.82
CA PHE A 1192 -14.55 -26.74 22.47
C PHE A 1192 -15.29 -27.27 23.69
N ASP A 1193 -16.57 -26.97 23.77
CA ASP A 1193 -17.46 -27.54 24.79
C ASP A 1193 -18.34 -28.60 24.13
N LEU A 1194 -19.30 -29.13 24.88
CA LEU A 1194 -20.13 -30.21 24.37
C LEU A 1194 -20.87 -29.80 23.11
N LYS A 1195 -21.45 -28.60 23.11
CA LYS A 1195 -22.19 -28.16 21.93
C LYS A 1195 -21.29 -28.16 20.69
N SER A 1196 -20.09 -27.60 20.82
CA SER A 1196 -19.17 -27.58 19.68
C SER A 1196 -18.53 -28.93 19.44
N ILE A 1197 -18.31 -29.72 20.50
CA ILE A 1197 -17.79 -31.07 20.30
C ILE A 1197 -18.77 -31.89 19.47
N GLY A 1198 -20.05 -31.57 19.54
CA GLY A 1198 -21.05 -32.26 18.77
C GLY A 1198 -21.08 -31.90 17.31
N SER A 1199 -20.29 -30.93 16.88
CA SER A 1199 -20.23 -30.52 15.48
C SER A 1199 -19.03 -31.11 14.75
N ILE A 1200 -18.35 -32.09 15.34
CA ILE A 1200 -17.21 -32.74 14.71
C ILE A 1200 -17.74 -33.88 13.84
N THR A 1201 -17.28 -33.94 12.60
CA THR A 1201 -17.76 -34.97 11.68
C THR A 1201 -17.46 -36.36 12.18
N ASP A 1202 -16.24 -36.58 12.69
CA ASP A 1202 -15.85 -37.89 13.18
C ASP A 1202 -16.48 -38.16 14.54
N THR A 1203 -17.09 -39.33 14.68
CA THR A 1203 -17.76 -39.70 15.93
C THR A 1203 -16.83 -40.37 16.92
N GLY A 1204 -15.76 -41.03 16.45
CA GLY A 1204 -14.78 -41.56 17.37
C GLY A 1204 -14.03 -40.47 18.11
N ILE A 1205 -13.66 -39.41 17.39
CA ILE A 1205 -13.06 -38.25 18.04
C ILE A 1205 -14.04 -37.62 19.00
N GLN A 1206 -15.32 -37.65 18.68
CA GLN A 1206 -16.31 -37.10 19.59
C GLN A 1206 -16.38 -37.93 20.85
N LYS A 1207 -16.33 -39.24 20.72
CA LYS A 1207 -16.30 -40.11 21.90
C LYS A 1207 -15.09 -39.81 22.76
N ILE A 1208 -13.90 -39.75 22.15
CA ILE A 1208 -12.68 -39.53 22.91
C ILE A 1208 -12.73 -38.18 23.62
N LEU A 1209 -13.15 -37.14 22.91
CA LEU A 1209 -13.16 -35.80 23.50
C LEU A 1209 -14.20 -35.71 24.60
N LYS A 1210 -15.36 -36.33 24.42
CA LYS A 1210 -16.35 -36.34 25.50
C LYS A 1210 -15.81 -37.03 26.74
N ASN A 1211 -15.15 -38.18 26.55
CA ASN A 1211 -14.58 -38.87 27.71
C ASN A 1211 -13.56 -38.00 28.42
N TYR A 1212 -12.65 -37.39 27.65
CA TYR A 1212 -11.62 -36.56 28.27
C TYR A 1212 -12.23 -35.35 28.99
N LEU A 1213 -13.21 -34.70 28.36
CA LEU A 1213 -13.83 -33.53 28.96
C LEU A 1213 -14.55 -33.91 30.25
N ALA A 1214 -15.26 -35.04 30.25
CA ALA A 1214 -15.89 -35.51 31.48
C ALA A 1214 -14.85 -35.79 32.56
N PHE A 1215 -13.70 -36.34 32.16
CA PHE A 1215 -12.64 -36.60 33.12
C PHE A 1215 -12.14 -35.31 33.76
N LYS A 1216 -12.23 -34.18 33.04
CA LYS A 1216 -11.74 -32.90 33.51
C LYS A 1216 -12.87 -32.02 34.06
N ASP A 1217 -13.87 -32.63 34.68
CA ASP A 1217 -14.96 -31.89 35.31
C ASP A 1217 -15.72 -31.01 34.31
N GLY A 1218 -15.73 -31.41 33.05
CA GLY A 1218 -16.46 -30.66 32.05
C GLY A 1218 -15.99 -29.22 31.90
N ASN A 1219 -14.69 -28.99 32.00
CA ASN A 1219 -14.10 -27.66 31.90
C ASN A 1219 -13.18 -27.61 30.68
N PRO A 1220 -13.64 -27.09 29.54
CA PRO A 1220 -12.75 -27.03 28.37
C PRO A 1220 -11.51 -26.18 28.61
N GLU A 1221 -11.59 -25.19 29.50
CA GLU A 1221 -10.42 -24.37 29.79
C GLU A 1221 -9.27 -25.22 30.34
N LEU A 1222 -9.59 -26.32 31.04
CA LEU A 1222 -8.57 -27.21 31.56
C LEU A 1222 -8.30 -28.38 30.62
N ALA A 1223 -9.34 -28.93 30.00
CA ALA A 1223 -9.17 -30.11 29.17
C ALA A 1223 -8.38 -29.79 27.91
N PHE A 1224 -8.71 -28.69 27.24
CA PHE A 1224 -8.18 -28.40 25.91
C PHE A 1224 -7.17 -27.27 25.91
N SER A 1225 -6.54 -26.99 27.04
CA SER A 1225 -5.36 -26.15 27.05
C SER A 1225 -4.18 -26.92 26.46
N PRO A 1226 -3.14 -26.23 26.01
CA PRO A 1226 -2.01 -26.95 25.40
C PRO A 1226 -1.48 -28.07 26.27
N GLU A 1227 -1.34 -27.83 27.58
CA GLU A 1227 -0.95 -28.90 28.49
C GLU A 1227 -1.99 -30.01 28.51
N GLY A 1228 -3.27 -29.63 28.54
CA GLY A 1228 -4.32 -30.63 28.52
C GLY A 1228 -4.34 -31.43 27.24
N ILE A 1229 -4.14 -30.76 26.10
CA ILE A 1229 -4.11 -31.46 24.82
C ILE A 1229 -2.93 -32.43 24.79
N ASP A 1230 -1.77 -32.00 25.26
CA ASP A 1230 -0.61 -32.89 25.30
C ASP A 1230 -0.88 -34.09 26.20
N ASP A 1231 -1.48 -33.86 27.36
CA ASP A 1231 -1.78 -34.97 28.26
C ASP A 1231 -2.78 -35.94 27.63
N LEU A 1232 -3.79 -35.41 26.94
CA LEU A 1232 -4.74 -36.28 26.25
C LEU A 1232 -4.03 -37.12 25.20
N ASN A 1233 -3.14 -36.51 24.42
CA ASN A 1233 -2.43 -37.26 23.40
C ASN A 1233 -1.51 -38.31 24.00
N LYS A 1234 -0.94 -38.03 25.16
CA LYS A 1234 -0.09 -39.02 25.81
C LYS A 1234 -0.88 -40.26 26.22
N ASN A 1235 -2.06 -40.06 26.80
CA ASN A 1235 -2.86 -41.14 27.38
C ASN A 1235 -4.18 -41.30 26.65
N ILE A 1236 -4.15 -41.23 25.32
CA ILE A 1236 -5.39 -41.34 24.55
C ILE A 1236 -6.04 -42.70 24.76
N GLU A 1237 -5.22 -43.74 25.01
CA GLU A 1237 -5.76 -45.08 25.21
C GLU A 1237 -6.85 -45.07 26.28
N LYS A 1238 -6.62 -44.36 27.38
CA LYS A 1238 -7.54 -44.39 28.50
C LYS A 1238 -8.90 -43.79 28.16
N TYR A 1239 -8.98 -42.98 27.11
CA TYR A 1239 -10.22 -42.31 26.73
C TYR A 1239 -10.80 -42.85 25.44
N ASN A 1240 -10.31 -44.01 24.98
CA ASN A 1240 -10.82 -44.67 23.77
C ASN A 1240 -11.15 -46.12 24.06
N ASP A 1241 -11.50 -46.43 25.31
CA ASP A 1241 -11.80 -47.80 25.74
C ASP A 1241 -10.61 -48.72 25.52
N GLY A 1242 -9.40 -48.19 25.68
CA GLY A 1242 -8.20 -48.99 25.57
C GLY A 1242 -7.71 -49.24 24.16
N LYS A 1243 -8.41 -48.73 23.14
CA LYS A 1243 -7.95 -48.95 21.78
C LYS A 1243 -7.05 -47.79 21.34
N PRO A 1244 -5.97 -48.07 20.60
CA PRO A 1244 -5.08 -46.99 20.19
C PRO A 1244 -5.73 -46.03 19.22
N HIS A 1245 -5.30 -44.76 19.31
CA HIS A 1245 -5.75 -43.73 18.38
C HIS A 1245 -4.56 -42.82 18.08
N GLN A 1246 -4.60 -42.20 16.90
CA GLN A 1246 -3.56 -41.26 16.53
C GLN A 1246 -3.71 -39.98 17.33
N PRO A 1247 -2.63 -39.19 17.45
CA PRO A 1247 -2.75 -37.91 18.16
C PRO A 1247 -3.78 -37.01 17.48
N ILE A 1248 -4.40 -36.15 18.28
CA ILE A 1248 -5.42 -35.22 17.81
C ILE A 1248 -4.89 -33.81 18.02
N ASN A 1249 -4.81 -33.04 16.93
CA ASN A 1249 -4.41 -31.64 17.00
C ASN A 1249 -5.44 -30.77 16.28
N LYS A 1250 -6.01 -31.28 15.20
CA LYS A 1250 -7.04 -30.60 14.46
C LYS A 1250 -8.19 -31.57 14.22
N VAL A 1251 -9.40 -31.01 14.04
CA VAL A 1251 -10.60 -31.81 13.80
C VAL A 1251 -11.45 -31.10 12.77
N ARG A 1252 -12.18 -31.88 11.97
CA ARG A 1252 -13.04 -31.34 10.94
C ARG A 1252 -14.42 -31.07 11.54
N VAL A 1253 -14.76 -29.79 11.65
CA VAL A 1253 -16.09 -29.38 12.11
C VAL A 1253 -16.93 -29.04 10.91
N PHE A 1254 -18.22 -29.37 10.97
CA PHE A 1254 -19.13 -29.24 9.84
C PHE A 1254 -20.16 -28.16 10.11
N GLU A 1255 -20.83 -27.77 9.04
CA GLU A 1255 -21.87 -26.74 9.07
C GLU A 1255 -22.89 -27.06 7.99
N LEU A 1256 -24.16 -26.87 8.33
CA LEU A 1256 -25.27 -27.10 7.41
C LEU A 1256 -25.69 -25.76 6.83
N GLY A 1257 -25.47 -25.57 5.54
CA GLY A 1257 -25.77 -24.29 4.91
C GLY A 1257 -25.88 -24.42 3.42
N SER A 1258 -25.60 -23.32 2.72
CA SER A 1258 -25.67 -23.26 1.27
C SER A 1258 -24.40 -22.58 0.76
N LYS A 1259 -23.35 -23.36 0.56
CA LYS A 1259 -22.10 -22.89 -0.02
C LYS A 1259 -22.01 -23.38 -1.46
N PHE A 1260 -21.32 -22.60 -2.30
CA PHE A 1260 -21.27 -22.89 -3.73
C PHE A 1260 -19.87 -23.30 -4.14
N GLN A 1261 -19.79 -24.10 -5.21
CA GLN A 1261 -18.51 -24.57 -5.71
C GLN A 1261 -17.69 -23.42 -6.28
N VAL A 1262 -16.38 -23.48 -6.07
CA VAL A 1262 -15.50 -22.43 -6.58
C VAL A 1262 -15.52 -22.41 -8.10
N GLY A 1263 -15.39 -23.59 -8.71
CA GLY A 1263 -15.34 -23.69 -10.16
C GLY A 1263 -15.93 -24.98 -10.68
N GLN A 1264 -15.52 -25.38 -11.88
CA GLN A 1264 -16.05 -26.58 -12.50
C GLN A 1264 -14.99 -27.46 -13.16
N THR A 1265 -13.73 -27.06 -13.15
CA THR A 1265 -12.66 -27.81 -13.79
C THR A 1265 -11.72 -28.38 -12.74
N GLY A 1266 -11.31 -29.63 -12.94
CA GLY A 1266 -10.39 -30.25 -12.01
C GLY A 1266 -11.02 -30.43 -10.64
N ASN A 1267 -10.22 -30.22 -9.61
CA ASN A 1267 -10.68 -30.38 -8.23
C ASN A 1267 -11.40 -29.15 -7.70
N LYS A 1268 -11.54 -28.10 -8.51
CA LYS A 1268 -12.29 -26.92 -8.08
C LYS A 1268 -13.75 -27.24 -7.80
N LYS A 1269 -14.27 -28.34 -8.37
CA LYS A 1269 -15.62 -28.77 -8.03
C LYS A 1269 -15.74 -29.20 -6.58
N GLY A 1270 -14.63 -29.59 -5.95
CA GLY A 1270 -14.63 -30.02 -4.56
C GLY A 1270 -14.39 -28.92 -3.56
N LYS A 1271 -14.32 -27.66 -3.99
CA LYS A 1271 -14.10 -26.52 -3.11
C LYS A 1271 -15.40 -25.76 -2.96
N TYR A 1272 -15.91 -25.70 -1.74
CA TYR A 1272 -17.17 -25.01 -1.44
C TYR A 1272 -16.87 -23.78 -0.61
N VAL A 1273 -17.41 -22.63 -1.04
CA VAL A 1273 -17.10 -21.35 -0.45
C VAL A 1273 -18.38 -20.55 -0.28
N GLU A 1274 -18.24 -19.41 0.40
CA GLU A 1274 -19.35 -18.52 0.75
C GLU A 1274 -19.13 -17.16 0.11
N ALA A 1275 -20.22 -16.44 -0.11
CA ALA A 1275 -20.14 -15.12 -0.70
C ALA A 1275 -19.27 -14.20 0.14
N ALA A 1276 -18.43 -13.42 -0.53
CA ALA A 1276 -17.53 -12.51 0.16
C ALA A 1276 -18.31 -11.32 0.73
N LYS A 1277 -17.67 -10.61 1.65
CA LYS A 1277 -18.30 -9.46 2.28
C LYS A 1277 -18.60 -8.38 1.25
N GLY A 1278 -19.82 -7.84 1.30
CA GLY A 1278 -20.22 -6.78 0.41
C GLY A 1278 -20.28 -7.18 -1.06
N THR A 1279 -20.81 -8.37 -1.35
CA THR A 1279 -21.00 -8.81 -2.72
C THR A 1279 -22.45 -9.14 -3.04
N ASN A 1280 -23.36 -9.03 -2.07
CA ASN A 1280 -24.79 -9.16 -2.32
C ASN A 1280 -25.31 -7.81 -2.82
N LEU A 1281 -24.87 -7.46 -4.03
CA LEU A 1281 -25.08 -6.12 -4.57
C LEU A 1281 -26.45 -5.95 -5.23
N PHE A 1282 -27.18 -7.03 -5.50
CA PHE A 1282 -28.43 -6.95 -6.22
C PHE A 1282 -29.52 -7.71 -5.49
N PHE A 1283 -30.70 -7.11 -5.42
CA PHE A 1283 -31.84 -7.66 -4.69
C PHE A 1283 -33.07 -7.43 -5.56
N ALA A 1284 -33.53 -8.50 -6.21
CA ALA A 1284 -34.61 -8.39 -7.18
C ALA A 1284 -35.97 -8.46 -6.48
N VAL A 1285 -36.89 -7.61 -6.94
CA VAL A 1285 -38.26 -7.58 -6.46
C VAL A 1285 -39.16 -7.75 -7.68
N TYR A 1286 -39.93 -8.83 -7.69
CA TYR A 1286 -40.87 -9.18 -8.75
C TYR A 1286 -42.29 -9.05 -8.22
N GLU A 1287 -43.23 -8.90 -9.15
CA GLU A 1287 -44.65 -8.80 -8.79
C GLU A 1287 -45.46 -9.66 -9.75
N ASP A 1288 -46.34 -10.48 -9.19
CA ASP A 1288 -47.22 -11.31 -10.00
C ASP A 1288 -48.42 -10.50 -10.49
N GLU A 1289 -49.20 -11.12 -11.38
CA GLU A 1289 -50.39 -10.44 -11.89
C GLU A 1289 -51.37 -10.10 -10.79
N LYS A 1290 -51.44 -10.94 -9.75
CA LYS A 1290 -52.34 -10.65 -8.63
C LYS A 1290 -51.94 -9.37 -7.93
N GLY A 1291 -50.65 -9.16 -7.72
CA GLY A 1291 -50.16 -7.98 -7.04
C GLY A 1291 -49.17 -8.30 -5.94
N LYS A 1292 -49.12 -9.58 -5.54
CA LYS A 1292 -48.21 -9.98 -4.48
C LYS A 1292 -46.77 -9.86 -4.95
N ARG A 1293 -45.88 -9.54 -4.01
CA ARG A 1293 -44.48 -9.31 -4.29
C ARG A 1293 -43.65 -10.51 -3.88
N SER A 1294 -42.60 -10.78 -4.67
CA SER A 1294 -41.62 -11.81 -4.36
C SER A 1294 -40.24 -11.18 -4.38
N TYR A 1295 -39.36 -11.64 -3.49
CA TYR A 1295 -38.04 -11.05 -3.32
C TYR A 1295 -36.98 -12.13 -3.46
N GLU A 1296 -35.83 -11.72 -4.01
CA GLU A 1296 -34.72 -12.65 -4.19
C GLU A 1296 -33.41 -11.88 -4.15
N THR A 1297 -32.33 -12.61 -3.88
CA THR A 1297 -30.98 -12.04 -3.89
C THR A 1297 -30.18 -12.76 -4.97
N ILE A 1298 -29.70 -12.00 -5.94
CA ILE A 1298 -28.98 -12.57 -7.08
C ILE A 1298 -27.52 -12.79 -6.69
N PRO A 1299 -26.98 -14.00 -6.78
CA PRO A 1299 -25.57 -14.20 -6.46
C PRO A 1299 -24.66 -13.50 -7.46
N LEU A 1300 -23.42 -13.27 -7.01
CA LEU A 1300 -22.47 -12.49 -7.82
C LEU A 1300 -22.16 -13.19 -9.13
N ASN A 1301 -22.01 -14.50 -9.09
CA ASN A 1301 -21.64 -15.24 -10.29
C ASN A 1301 -22.69 -15.12 -11.37
N GLU A 1302 -23.93 -15.25 -11.00
CA GLU A 1302 -25.02 -15.10 -11.97
C GLU A 1302 -25.02 -13.71 -12.58
N VAL A 1303 -24.78 -12.69 -11.75
CA VAL A 1303 -24.70 -11.32 -12.26
C VAL A 1303 -23.55 -11.19 -13.24
N ILE A 1304 -22.41 -11.81 -12.92
CA ILE A 1304 -21.25 -11.73 -13.81
C ILE A 1304 -21.58 -12.34 -15.15
N GLU A 1305 -22.19 -13.52 -15.15
CA GLU A 1305 -22.53 -14.18 -16.40
C GLU A 1305 -23.54 -13.34 -17.21
N ARG A 1306 -24.57 -12.82 -16.54
CA ARG A 1306 -25.57 -12.04 -17.24
C ARG A 1306 -24.97 -10.78 -17.85
N GLN A 1307 -24.08 -10.11 -17.11
CA GLN A 1307 -23.46 -8.90 -17.64
C GLN A 1307 -22.51 -9.21 -18.79
N LYS A 1308 -21.80 -10.33 -18.69
CA LYS A 1308 -20.95 -10.75 -19.80
C LYS A 1308 -21.78 -10.99 -21.06
N GLN A 1309 -22.94 -11.63 -20.90
CA GLN A 1309 -23.81 -11.88 -22.04
C GLN A 1309 -24.46 -10.61 -22.57
N GLY A 1310 -24.32 -9.49 -21.87
CA GLY A 1310 -24.93 -8.24 -22.29
C GLY A 1310 -26.34 -8.03 -21.80
N LEU A 1311 -26.81 -8.82 -20.85
CA LEU A 1311 -28.16 -8.72 -20.32
C LEU A 1311 -28.18 -7.80 -19.11
N THR A 1312 -29.37 -7.63 -18.53
CA THR A 1312 -29.49 -6.86 -17.30
C THR A 1312 -28.96 -7.68 -16.12
N SER A 1313 -28.53 -6.97 -15.08
CA SER A 1313 -27.94 -7.64 -13.93
C SER A 1313 -28.93 -8.60 -13.27
N VAL A 1314 -30.21 -8.28 -13.33
CA VAL A 1314 -31.25 -9.08 -12.67
C VAL A 1314 -32.14 -9.70 -13.75
N PRO A 1315 -32.51 -10.97 -13.63
CA PRO A 1315 -33.45 -11.54 -14.62
C PRO A 1315 -34.77 -10.79 -14.61
N LEU A 1316 -35.35 -10.63 -15.79
CA LEU A 1316 -36.61 -9.91 -15.92
C LEU A 1316 -37.81 -10.74 -15.46
N GLU A 1317 -37.63 -12.02 -15.19
CA GLU A 1317 -38.70 -12.87 -14.70
C GLU A 1317 -38.11 -13.97 -13.83
N ASN A 1318 -38.82 -14.32 -12.76
CA ASN A 1318 -38.38 -15.38 -11.88
C ASN A 1318 -38.92 -16.72 -12.40
N GLU A 1319 -38.73 -17.78 -11.61
CA GLU A 1319 -39.18 -19.10 -12.05
C GLU A 1319 -40.68 -19.13 -12.26
N LYS A 1320 -41.44 -18.54 -11.34
CA LYS A 1320 -42.90 -18.53 -11.45
C LYS A 1320 -43.40 -17.66 -12.59
N GLY A 1321 -42.54 -16.84 -13.19
CA GLY A 1321 -42.94 -15.98 -14.28
C GLY A 1321 -43.38 -14.59 -13.88
N SER A 1322 -43.12 -14.18 -12.64
CA SER A 1322 -43.50 -12.85 -12.20
C SER A 1322 -42.58 -11.81 -12.82
N ARG A 1323 -43.17 -10.76 -13.39
CA ARG A 1323 -42.38 -9.69 -13.98
C ARG A 1323 -41.59 -8.96 -12.89
N LEU A 1324 -40.41 -8.49 -13.26
CA LEU A 1324 -39.54 -7.79 -12.33
C LEU A 1324 -40.07 -6.38 -12.09
N LEU A 1325 -40.35 -6.05 -10.82
CA LEU A 1325 -40.64 -4.67 -10.48
C LEU A 1325 -39.37 -3.84 -10.53
N PHE A 1326 -38.35 -4.23 -9.78
CA PHE A 1326 -37.07 -3.50 -9.85
C PHE A 1326 -36.05 -4.20 -8.96
N ASP A 1327 -34.80 -3.80 -9.11
CA ASP A 1327 -33.70 -4.32 -8.31
C ASP A 1327 -33.13 -3.23 -7.43
N LEU A 1328 -32.74 -3.62 -6.22
CA LEU A 1328 -32.15 -2.73 -5.23
C LEU A 1328 -30.69 -3.09 -5.00
N SER A 1329 -29.88 -2.08 -4.75
CA SER A 1329 -28.46 -2.24 -4.46
C SER A 1329 -28.12 -1.42 -3.23
N PRO A 1330 -27.02 -1.74 -2.54
CA PRO A 1330 -26.65 -0.97 -1.36
C PRO A 1330 -26.50 0.50 -1.70
N ASN A 1331 -26.97 1.36 -0.78
CA ASN A 1331 -26.95 2.81 -0.90
C ASN A 1331 -28.01 3.33 -1.85
N ASP A 1332 -28.90 2.47 -2.36
CA ASP A 1332 -30.05 2.95 -3.11
C ASP A 1332 -31.08 3.54 -2.17
N LEU A 1333 -31.96 4.37 -2.72
CA LEU A 1333 -32.97 5.08 -1.94
C LEU A 1333 -34.36 4.63 -2.38
N VAL A 1334 -35.21 4.36 -1.38
CA VAL A 1334 -36.59 3.96 -1.63
C VAL A 1334 -37.50 4.85 -0.82
N TYR A 1335 -38.72 5.03 -1.31
CA TYR A 1335 -39.78 5.75 -0.62
C TYR A 1335 -40.82 4.75 -0.14
N VAL A 1336 -41.19 4.85 1.13
CA VAL A 1336 -42.17 3.94 1.73
C VAL A 1336 -43.46 4.72 1.94
N PRO A 1337 -44.49 4.51 1.12
CA PRO A 1337 -45.70 5.33 1.25
C PRO A 1337 -46.41 5.09 2.57
N GLU A 1338 -47.16 6.10 3.00
CA GLU A 1338 -47.97 5.98 4.19
C GLU A 1338 -48.92 4.80 4.06
N ILE A 1339 -49.47 4.37 5.20
CA ILE A 1339 -50.35 3.21 5.21
C ILE A 1339 -51.57 3.44 4.34
N ASP A 1340 -52.16 4.64 4.44
CA ASP A 1340 -53.33 4.97 3.63
C ASP A 1340 -52.98 5.26 2.18
N GLU A 1341 -51.78 5.75 1.92
CA GLU A 1341 -51.41 6.15 0.56
C GLU A 1341 -51.45 4.95 -0.38
N ASN A 1342 -51.88 5.21 -1.62
CA ASN A 1342 -51.91 4.22 -2.69
C ASN A 1342 -51.03 4.73 -3.84
N ILE A 1343 -49.71 4.52 -3.70
CA ILE A 1343 -48.75 5.00 -4.69
C ILE A 1343 -48.51 3.98 -5.80
N ASP A 1344 -49.31 4.04 -6.85
CA ASP A 1344 -49.19 3.16 -8.01
C ASP A 1344 -48.55 3.86 -9.20
N SER A 1345 -49.00 5.07 -9.52
CA SER A 1345 -48.39 5.90 -10.57
C SER A 1345 -48.25 7.32 -10.05
N ASN A 1346 -47.83 7.46 -8.81
CA ASN A 1346 -47.74 8.78 -8.18
C ASN A 1346 -46.93 9.80 -8.94
N PHE A 1347 -45.68 9.49 -9.27
CA PHE A 1347 -44.78 10.47 -9.89
C PHE A 1347 -44.74 11.66 -8.95
N VAL A 1348 -45.01 12.89 -9.40
CA VAL A 1348 -45.12 14.06 -8.54
C VAL A 1348 -44.04 14.03 -7.45
N PHE A 1349 -42.79 13.88 -7.87
CA PHE A 1349 -41.65 13.86 -6.95
C PHE A 1349 -41.04 15.24 -6.75
N SER A 1350 -41.83 16.30 -6.91
CA SER A 1350 -41.37 17.66 -6.67
C SER A 1350 -41.97 18.31 -5.42
N ASN A 1351 -43.18 17.90 -5.02
CA ASN A 1351 -43.80 18.43 -3.81
C ASN A 1351 -43.29 17.69 -2.59
N LEU A 1352 -41.97 17.64 -2.42
CA LEU A 1352 -41.34 16.87 -1.35
C LEU A 1352 -41.26 17.74 -0.10
N ASN A 1353 -42.30 17.65 0.73
CA ASN A 1353 -42.30 18.31 2.02
C ASN A 1353 -41.52 17.47 3.03
N LYS A 1354 -41.43 17.97 4.27
CA LYS A 1354 -40.68 17.25 5.28
C LYS A 1354 -41.27 15.87 5.54
N GLU A 1355 -42.59 15.75 5.49
CA GLU A 1355 -43.23 14.47 5.77
C GLU A 1355 -42.78 13.41 4.76
N LYS A 1356 -42.77 13.76 3.48
CA LYS A 1356 -42.32 12.81 2.47
C LYS A 1356 -40.85 12.45 2.66
N ILE A 1357 -40.01 13.44 2.95
CA ILE A 1357 -38.59 13.17 3.14
C ILE A 1357 -38.36 12.28 4.34
N SER A 1358 -39.24 12.34 5.34
CA SER A 1358 -39.10 11.50 6.52
C SER A 1358 -39.30 10.02 6.22
N ARG A 1359 -39.81 9.67 5.03
CA ARG A 1359 -40.10 8.29 4.67
C ARG A 1359 -39.18 7.79 3.56
N ILE A 1360 -37.96 8.32 3.47
CA ILE A 1360 -36.97 7.88 2.49
C ILE A 1360 -35.95 7.03 3.22
N TYR A 1361 -35.79 5.79 2.79
CA TYR A 1361 -34.90 4.84 3.41
C TYR A 1361 -33.80 4.42 2.44
N LYS A 1362 -32.71 3.88 2.98
CA LYS A 1362 -31.52 3.54 2.23
C LYS A 1362 -31.20 2.07 2.46
N VAL A 1363 -30.90 1.36 1.37
CA VAL A 1363 -30.55 -0.05 1.45
C VAL A 1363 -29.18 -0.23 2.07
N GLU A 1364 -29.07 -1.15 3.02
CA GLU A 1364 -27.81 -1.40 3.73
C GLU A 1364 -27.21 -2.75 3.41
N LYS A 1365 -27.97 -3.83 3.58
CA LYS A 1365 -27.45 -5.17 3.29
C LYS A 1365 -28.62 -6.07 2.91
N THR A 1366 -28.28 -7.18 2.25
CA THR A 1366 -29.26 -8.11 1.72
C THR A 1366 -28.79 -9.54 1.93
N SER A 1367 -29.75 -10.43 2.14
CA SER A 1367 -29.45 -11.85 2.28
C SER A 1367 -30.76 -12.63 2.13
N GLY A 1368 -30.75 -13.63 1.25
CA GLY A 1368 -31.95 -14.40 1.03
C GLY A 1368 -33.06 -13.50 0.53
N THR A 1369 -34.18 -13.48 1.26
CA THR A 1369 -35.30 -12.61 0.96
C THR A 1369 -35.44 -11.47 1.95
N GLU A 1370 -34.35 -11.11 2.64
CA GLU A 1370 -34.36 -10.07 3.65
C GLU A 1370 -33.53 -8.89 3.16
N CYS A 1371 -34.11 -7.70 3.21
CA CYS A 1371 -33.42 -6.46 2.87
C CYS A 1371 -33.50 -5.52 4.07
N TYR A 1372 -32.34 -5.02 4.49
CA TYR A 1372 -32.26 -4.15 5.66
C TYR A 1372 -32.08 -2.70 5.22
N PHE A 1373 -32.74 -1.80 5.94
CA PHE A 1373 -32.77 -0.38 5.58
C PHE A 1373 -32.38 0.47 6.77
N VAL A 1374 -31.90 1.68 6.47
CA VAL A 1374 -31.67 2.71 7.46
C VAL A 1374 -32.22 4.01 6.91
N ARG A 1375 -32.91 4.79 7.74
CA ARG A 1375 -33.45 6.05 7.26
C ARG A 1375 -32.33 6.91 6.69
N GLN A 1376 -32.59 7.53 5.53
CA GLN A 1376 -31.50 8.08 4.74
C GLN A 1376 -30.71 9.15 5.50
N ASP A 1377 -31.32 9.81 6.47
CA ASP A 1377 -30.63 10.87 7.20
C ASP A 1377 -29.76 10.35 8.33
N ILE A 1378 -29.91 9.09 8.72
CA ILE A 1378 -29.19 8.56 9.87
C ILE A 1378 -27.76 8.20 9.48
N ALA A 1379 -26.80 8.69 10.25
CA ALA A 1379 -25.38 8.40 10.05
C ALA A 1379 -24.82 7.46 11.10
N TYR A 1380 -25.06 7.75 12.38
CA TYR A 1380 -24.65 6.89 13.48
C TYR A 1380 -25.81 6.72 14.44
N LEU A 1381 -25.84 5.56 15.09
CA LEU A 1381 -26.87 5.29 16.08
C LEU A 1381 -26.58 6.03 17.38
N ILE A 1382 -27.65 6.43 18.07
CA ILE A 1382 -27.48 7.01 19.40
C ILE A 1382 -26.78 6.01 20.30
N LYS A 1383 -27.22 4.76 20.26
CA LYS A 1383 -26.53 3.67 20.95
C LYS A 1383 -26.53 2.45 20.03
N GLN A 1384 -25.37 1.82 19.91
CA GLN A 1384 -25.28 0.57 19.15
C GLN A 1384 -25.84 -0.57 19.99
N TYR A 1385 -25.77 -1.78 19.46
CA TYR A 1385 -26.32 -2.96 20.12
C TYR A 1385 -25.20 -3.72 20.83
N ASP A 1386 -25.46 -4.12 22.06
CA ASP A 1386 -24.57 -4.97 22.83
C ASP A 1386 -25.32 -6.22 23.27
N ALA A 1387 -24.66 -7.37 23.14
CA ALA A 1387 -25.30 -8.63 23.51
C ALA A 1387 -25.64 -8.69 24.99
N LYS A 1388 -24.97 -7.89 25.83
CA LYS A 1388 -25.22 -7.93 27.26
C LYS A 1388 -26.50 -7.20 27.63
N THR A 1389 -26.55 -5.90 27.37
CA THR A 1389 -27.74 -5.13 27.72
C THR A 1389 -28.89 -5.42 26.76
N LYS A 1390 -28.58 -5.74 25.50
CA LYS A 1390 -29.60 -6.12 24.52
C LYS A 1390 -30.52 -4.95 24.20
N ILE A 1391 -29.95 -3.77 23.98
CA ILE A 1391 -30.70 -2.61 23.51
C ILE A 1391 -29.87 -1.91 22.43
N GLY A 1392 -30.58 -1.28 21.50
CA GLY A 1392 -29.93 -0.53 20.45
C GLY A 1392 -30.93 0.33 19.73
N GLU A 1393 -30.40 1.34 19.03
CA GLU A 1393 -31.26 2.23 18.26
C GLU A 1393 -32.10 1.45 17.25
N LEU A 1394 -31.49 0.46 16.61
CA LEU A 1394 -32.13 -0.32 15.55
C LEU A 1394 -31.95 -1.81 15.78
N GLU A 1395 -32.21 -2.25 17.01
CA GLU A 1395 -32.24 -3.68 17.34
C GLU A 1395 -30.84 -4.27 17.11
N SER A 1396 -30.77 -5.58 16.87
CA SER A 1396 -29.49 -6.29 16.90
C SER A 1396 -28.63 -6.02 15.68
N GLN A 1397 -29.23 -5.78 14.53
CA GLN A 1397 -28.48 -5.60 13.29
C GLN A 1397 -28.00 -4.17 13.09
N ASN A 1398 -28.37 -3.24 13.96
CA ASN A 1398 -28.10 -1.82 13.75
C ASN A 1398 -28.78 -1.31 12.49
N LYS A 1399 -29.86 -1.98 12.09
CA LYS A 1399 -30.67 -1.62 10.95
C LYS A 1399 -31.88 -2.55 10.93
N LEU A 1400 -32.97 -2.08 10.34
CA LEU A 1400 -34.26 -2.76 10.44
C LEU A 1400 -34.80 -3.12 9.06
N GLN A 1401 -35.60 -4.18 9.03
CA GLN A 1401 -36.39 -4.51 7.85
C GLN A 1401 -37.69 -3.72 7.80
N VAL A 1402 -38.04 -3.00 8.87
CA VAL A 1402 -39.30 -2.27 8.94
C VAL A 1402 -39.00 -0.79 9.15
N THR A 1403 -40.05 0.02 9.22
CA THR A 1403 -39.90 1.46 9.41
C THR A 1403 -39.70 1.78 10.88
N MET A 1404 -38.98 2.88 11.14
CA MET A 1404 -38.71 3.29 12.50
C MET A 1404 -39.96 3.79 13.23
N THR A 1405 -41.00 4.16 12.50
CA THR A 1405 -42.18 4.75 13.10
C THR A 1405 -43.01 3.68 13.81
N ASP A 1406 -44.18 4.09 14.31
CA ASP A 1406 -45.02 3.18 15.08
C ASP A 1406 -45.72 2.16 14.19
N ASP A 1407 -45.97 2.49 12.92
CA ASP A 1407 -46.63 1.54 12.03
C ASP A 1407 -45.81 0.27 11.88
N ARG A 1408 -44.49 0.40 11.86
CA ARG A 1408 -43.59 -0.78 11.73
C ARG A 1408 -44.05 -1.69 10.61
N ILE A 1409 -43.91 -1.23 9.38
CA ILE A 1409 -44.33 -1.99 8.21
C ILE A 1409 -43.10 -2.42 7.43
N ARG A 1410 -43.19 -3.62 6.83
CA ARG A 1410 -42.12 -4.11 5.99
C ARG A 1410 -41.88 -3.14 4.83
N ILE A 1411 -40.62 -2.74 4.66
CA ILE A 1411 -40.31 -1.74 3.62
C ILE A 1411 -40.46 -2.36 2.25
N THR A 1412 -39.94 -3.55 2.04
CA THR A 1412 -39.96 -4.17 0.72
C THR A 1412 -41.37 -4.50 0.24
N ASP A 1413 -42.36 -4.47 1.12
CA ASP A 1413 -43.73 -4.80 0.71
C ASP A 1413 -44.36 -3.69 -0.10
N THR A 1414 -43.96 -2.43 0.12
CA THR A 1414 -44.56 -1.31 -0.58
C THR A 1414 -43.57 -0.25 -1.04
N CYS A 1415 -42.27 -0.46 -0.86
CA CYS A 1415 -41.30 0.56 -1.22
C CYS A 1415 -41.27 0.78 -2.73
N VAL A 1416 -40.92 2.00 -3.13
CA VAL A 1416 -40.73 2.35 -4.54
C VAL A 1416 -39.38 3.01 -4.68
N LYS A 1417 -38.57 2.53 -5.63
CA LYS A 1417 -37.24 3.07 -5.82
C LYS A 1417 -37.29 4.52 -6.27
N ILE A 1418 -36.25 5.28 -5.92
CA ILE A 1418 -36.07 6.64 -6.41
C ILE A 1418 -34.62 6.82 -6.83
N ASN A 1419 -34.40 7.78 -7.72
CA ASN A 1419 -33.07 8.09 -8.25
C ASN A 1419 -32.75 9.54 -7.94
N CYS A 1420 -31.58 9.77 -7.34
CA CYS A 1420 -31.12 11.11 -7.01
C CYS A 1420 -29.72 11.32 -7.57
N ASP A 1421 -29.43 12.57 -7.92
CA ASP A 1421 -28.14 12.94 -8.48
C ASP A 1421 -27.21 13.41 -7.35
N ARG A 1422 -26.05 13.94 -7.73
CA ARG A 1422 -25.07 14.36 -6.72
C ARG A 1422 -25.64 15.44 -5.81
N LEU A 1423 -26.51 16.30 -6.33
CA LEU A 1423 -27.05 17.42 -5.58
C LEU A 1423 -28.31 17.06 -4.81
N GLY A 1424 -28.74 15.80 -4.83
CA GLY A 1424 -29.90 15.40 -4.07
C GLY A 1424 -31.23 15.76 -4.68
N ASN A 1425 -31.29 15.84 -6.01
CA ASN A 1425 -32.55 16.09 -6.71
C ASN A 1425 -33.05 14.77 -7.29
N ILE A 1426 -34.34 14.50 -7.11
CA ILE A 1426 -34.92 13.24 -7.57
C ILE A 1426 -35.01 13.29 -9.10
N ASN A 1427 -34.43 12.28 -9.74
CA ASN A 1427 -34.47 12.16 -11.21
C ASN A 1427 -35.72 11.39 -11.64
N PHE A 1428 -36.87 11.93 -11.26
CA PHE A 1428 -38.15 11.33 -11.62
C PHE A 1428 -38.30 11.22 -13.13
#